data_8UPF
#
_entry.id   8UPF
#
_cell.length_a   1.00
_cell.length_b   1.00
_cell.length_c   1.00
_cell.angle_alpha   90.00
_cell.angle_beta   90.00
_cell.angle_gamma   90.00
#
_symmetry.space_group_name_H-M   'P 1'
#
loop_
_entity.id
_entity.type
_entity.pdbx_description
1 polymer 'Histone H3.1'
2 polymer 'Histone H4'
3 polymer 'Histone H2B type 1-J'
4 polymer 'DNA (147-MER)'
5 polymer 'DNA (147-MER)'
6 polymer 'E3 ubiquitin-protein ligase RNF168'
7 polymer 'Ubiquitin-conjugating enzyme E2 D3'
8 polymer 'Histone H2A type 1-B/E'
9 non-polymer 'ZINC ION'
#
loop_
_entity_poly.entity_id
_entity_poly.type
_entity_poly.pdbx_seq_one_letter_code
_entity_poly.pdbx_strand_id
1 'polypeptide(L)'
;GPGHMARTKQTARKSTGGKAPRKQLATKAARKSAPATGGVKKPHRYRPGTVALREIRRYQKSTELLIRKLPFQRLVREIA
QDFKTDLRFQSSAVMALQEACEAYLVGLFEDTNLCAIHAKRVTIMPKDIQLARRIRGERA
;
A,E
2 'polypeptide(L)'
;GPGHMSGRGKGGKGLGKGGAKRHRKVLRDNIQGITKPAIRRLARRGGVKRISGLIYEETRGVLKVFLENVIRDAVTYTEH
AKRKTVTAMDVVYALKRQGRTLYGFGG
;
B,F
3 'polypeptide(L)'
;KSAPAPKKGSKKAVTKAQKKDGKKRKRSRKESYSIYVYKVLKQVHPDTGISSKAMGIMNSFVNDIFERIAGEASRLAHYN
KRSTITSREIQTAVRLLLPGELAKHAVSEGTKAVTKYTS
;
D,H
4 'polydeoxyribonucleotide'
;(DA)(DT)(DC)(DG)(DA)(DG)(DA)(DA)(DT)(DC)(DC)(DC)(DG)(DG)(DT)(DG)(DC)(DC)(DG)(DA)
(DG)(DG)(DC)(DC)(DG)(DC)(DT)(DC)(DA)(DA)(DT)(DT)(DG)(DG)(DT)(DC)(DG)(DT)(DA)(DG)
(DA)(DC)(DA)(DG)(DC)(DT)(DC)(DT)(DA)(DG)(DC)(DA)(DC)(DC)(DG)(DC)(DT)(DT)(DA)(DA)
(DA)(DC)(DG)(DC)(DA)(DC)(DG)(DT)(DA)(DC)(DG)(DC)(DG)(DC)(DT)(DG)(DT)(DC)(DC)(DC)
(DC)(DC)(DG)(DC)(DG)(DT)(DT)(DT)(DT)(DA)(DA)(DC)(DC)(DG)(DC)(DC)(DA)(DA)(DG)(DG)
(DG)(DG)(DA)(DT)(DT)(DA)(DC)(DT)(DC)(DC)(DC)(DT)(DA)(DG)(DT)(DC)(DT)(DC)(DC)(DA)
(DG)(DG)(DC)(DA)(DC)(DG)(DT)(DG)(DT)(DC)(DA)(DG)(DA)(DT)(DA)(DT)(DA)(DT)(DA)(DC)
(DA)(DT)(DC)(DC)(DG)(DA)(DT)
;
I
5 'polydeoxyribonucleotide'
;(DA)(DT)(DC)(DG)(DG)(DA)(DT)(DG)(DT)(DA)(DT)(DA)(DT)(DA)(DT)(DC)(DT)(DG)(DA)(DC)
(DA)(DC)(DG)(DT)(DG)(DC)(DC)(DT)(DG)(DG)(DA)(DG)(DA)(DC)(DT)(DA)(DG)(DG)(DG)(DA)
(DG)(DT)(DA)(DA)(DT)(DC)(DC)(DC)(DC)(DT)(DT)(DG)(DG)(DC)(DG)(DG)(DT)(DT)(DA)(DA)
(DA)(DA)(DC)(DG)(DC)(DG)(DG)(DG)(DG)(DG)(DA)(DC)(DA)(DG)(DC)(DG)(DC)(DG)(DT)(DA)
(DC)(DG)(DT)(DG)(DC)(DG)(DT)(DT)(DT)(DA)(DA)(DG)(DC)(DG)(DG)(DT)(DG)(DC)(DT)(DA)
(DG)(DA)(DG)(DC)(DT)(DG)(DT)(DC)(DT)(DA)(DC)(DG)(DA)(DC)(DC)(DA)(DA)(DT)(DT)(DG)
(DA)(DG)(DC)(DG)(DG)(DC)(DC)(DT)(DC)(DG)(DG)(DC)(DA)(DC)(DC)(DG)(DG)(DG)(DA)(DT)
(DT)(DC)(DT)(DC)(DG)(DA)(DT)
;
J
6 'polypeptide(L)'
;GHMALPKDAIPSLSECQCGICMEILVEPVTLPCNHTLCKPCFQSTVEKASLCCPFCRRRVSSWTRYHTRRNSLVNVELWT
IIQKHYPRECKLRASGSGSGS
;
K
7 'polypeptide(L)'
;GSALKRINKELSDLARDPPAQCSAGPVGDDMFHWQATIMGPNDSPYQGGVFFLTIHFPTDYPFKPPKVAFTTRIYHPNIN
SNGSICLDILRSQWSPALTISKVLLSICSLLCDPNPDDPLVPEIARIYKTDRDKYNRISREWTQKYAMGSGSGSGGSGGG
SGGSGGSGGSGSGS
;
L
8 'polypeptide(L)'
;SAKAKTRSSRAGLQFPVGRVHRLLRKGNYSERVGAGAPVYLAAVLEYLTAEILELAGNAARDNKKTRIIPRHLQLAIRND
EELNKLLGRVTIAQGGVLPNIQAVLLPKKTESHHKAKGK
;
C,G
#
loop_
_chem_comp.id
_chem_comp.type
_chem_comp.name
_chem_comp.formula
DA DNA linking 2'-DEOXYADENOSINE-5'-MONOPHOSPHATE 'C10 H14 N5 O6 P'
DC DNA linking 2'-DEOXYCYTIDINE-5'-MONOPHOSPHATE 'C9 H14 N3 O7 P'
DG DNA linking 2'-DEOXYGUANOSINE-5'-MONOPHOSPHATE 'C10 H14 N5 O7 P'
DT DNA linking THYMIDINE-5'-MONOPHOSPHATE 'C10 H15 N2 O8 P'
ZN non-polymer 'ZINC ION' 'Zn 2'
#
# COMPACT_ATOMS: atom_id res chain seq x y z
N LYS A 42 -58.49 2.85 4.97
CA LYS A 42 -58.17 2.73 3.55
C LYS A 42 -56.82 3.26 3.08
N PRO A 43 -56.39 4.45 3.51
CA PRO A 43 -55.10 4.94 3.01
C PRO A 43 -53.97 4.02 3.43
N HIS A 44 -53.42 3.31 2.45
CA HIS A 44 -52.39 2.32 2.70
C HIS A 44 -51.07 3.02 2.98
N ARG A 45 -50.57 2.86 4.20
CA ARG A 45 -49.29 3.45 4.58
C ARG A 45 -48.44 2.40 5.28
N TYR A 46 -47.18 2.31 4.86
CA TYR A 46 -46.27 1.35 5.43
C TYR A 46 -45.99 1.70 6.89
N ARG A 47 -45.70 0.69 7.68
CA ARG A 47 -45.33 0.93 9.06
C ARG A 47 -44.03 1.72 9.10
N PRO A 48 -43.85 2.57 10.10
CA PRO A 48 -42.60 3.33 10.20
C PRO A 48 -41.41 2.42 10.42
N GLY A 49 -40.51 2.37 9.45
CA GLY A 49 -39.33 1.53 9.57
C GLY A 49 -39.06 0.72 8.32
N THR A 50 -39.97 0.77 7.36
CA THR A 50 -39.81 0.03 6.12
C THR A 50 -39.37 0.90 4.95
N VAL A 51 -39.98 2.07 4.80
CA VAL A 51 -39.51 3.00 3.78
C VAL A 51 -38.07 3.39 4.04
N ALA A 52 -37.66 3.40 5.30
CA ALA A 52 -36.27 3.69 5.63
C ALA A 52 -35.33 2.63 5.04
N LEU A 53 -35.65 1.35 5.25
CA LEU A 53 -34.81 0.30 4.71
C LEU A 53 -34.84 0.28 3.19
N ARG A 54 -36.02 0.52 2.61
CA ARG A 54 -36.11 0.60 1.16
C ARG A 54 -35.23 1.71 0.61
N GLU A 55 -35.22 2.85 1.28
CA GLU A 55 -34.35 3.95 0.85
C GLU A 55 -32.88 3.59 1.04
N ILE A 56 -32.56 2.89 2.12
CA ILE A 56 -31.17 2.45 2.31
C ILE A 56 -30.72 1.62 1.12
N ARG A 57 -31.54 0.66 0.72
CA ARG A 57 -31.19 -0.18 -0.43
C ARG A 57 -31.08 0.66 -1.69
N ARG A 58 -32.06 1.53 -1.94
CA ARG A 58 -32.06 2.30 -3.16
C ARG A 58 -30.85 3.21 -3.26
N TYR A 59 -30.37 3.75 -2.14
CA TYR A 59 -29.25 4.66 -2.20
C TYR A 59 -27.90 3.96 -2.14
N GLN A 60 -27.83 2.78 -1.52
CA GLN A 60 -26.59 2.02 -1.59
C GLN A 60 -26.41 1.35 -2.94
N LYS A 61 -27.49 1.16 -3.70
CA LYS A 61 -27.41 0.52 -5.00
C LYS A 61 -27.07 1.51 -6.12
N SER A 62 -26.73 2.75 -5.82
CA SER A 62 -26.46 3.74 -6.84
C SER A 62 -25.17 4.48 -6.51
N THR A 63 -24.80 5.43 -7.36
CA THR A 63 -23.54 6.14 -7.22
C THR A 63 -23.62 7.64 -7.40
N GLU A 64 -24.70 8.18 -7.93
CA GLU A 64 -24.76 9.59 -8.23
C GLU A 64 -24.59 10.43 -6.97
N LEU A 65 -24.36 11.72 -7.17
CA LEU A 65 -24.18 12.64 -6.05
C LEU A 65 -25.52 12.87 -5.35
N LEU A 66 -25.46 13.10 -4.05
CA LEU A 66 -26.65 13.33 -3.25
C LEU A 66 -26.85 14.78 -2.86
N ILE A 67 -25.79 15.48 -2.50
CA ILE A 67 -25.89 16.91 -2.24
C ILE A 67 -26.03 17.63 -3.57
N ARG A 68 -27.06 18.46 -3.70
CA ARG A 68 -27.29 19.14 -4.96
C ARG A 68 -26.12 20.02 -5.32
N LYS A 69 -25.95 20.27 -6.63
CA LYS A 69 -24.70 20.83 -7.12
C LYS A 69 -24.54 22.29 -6.72
N LEU A 70 -25.48 23.13 -7.15
CA LEU A 70 -25.30 24.58 -6.97
C LEU A 70 -25.19 25.01 -5.52
N PRO A 71 -25.98 24.50 -4.56
CA PRO A 71 -25.77 24.91 -3.18
C PRO A 71 -24.40 24.55 -2.65
N PHE A 72 -23.88 23.37 -3.00
CA PHE A 72 -22.54 23.02 -2.56
C PHE A 72 -21.51 23.91 -3.22
N GLN A 73 -21.69 24.24 -4.49
CA GLN A 73 -20.76 25.14 -5.15
C GLN A 73 -20.75 26.50 -4.47
N ARG A 74 -21.92 27.01 -4.11
CA ARG A 74 -21.99 28.29 -3.42
C ARG A 74 -21.27 28.22 -2.08
N LEU A 75 -21.50 27.15 -1.32
CA LEU A 75 -20.82 27.01 -0.05
C LEU A 75 -19.30 27.01 -0.23
N VAL A 76 -18.82 26.29 -1.25
CA VAL A 76 -17.38 26.23 -1.47
C VAL A 76 -16.84 27.61 -1.82
N ARG A 77 -17.53 28.33 -2.70
CA ARG A 77 -17.07 29.66 -3.06
C ARG A 77 -17.08 30.60 -1.87
N GLU A 78 -18.04 30.45 -0.96
CA GLU A 78 -18.08 31.29 0.22
C GLU A 78 -16.86 31.04 1.11
N ILE A 79 -16.57 29.77 1.40
CA ILE A 79 -15.39 29.47 2.21
C ILE A 79 -14.13 29.97 1.50
N ALA A 80 -14.11 29.87 0.18
CA ALA A 80 -12.95 30.36 -0.57
C ALA A 80 -12.75 31.85 -0.38
N GLN A 81 -13.77 32.65 -0.70
CA GLN A 81 -13.63 34.09 -0.53
C GLN A 81 -13.29 34.45 0.90
N ASP A 82 -13.64 33.59 1.85
CA ASP A 82 -13.16 33.80 3.21
C ASP A 82 -11.64 33.64 3.28
N PHE A 83 -11.10 32.60 2.66
CA PHE A 83 -9.68 32.33 2.82
C PHE A 83 -8.81 33.31 2.04
N LYS A 84 -8.94 33.32 0.71
CA LYS A 84 -8.24 34.29 -0.13
C LYS A 84 -9.23 34.86 -1.13
N THR A 85 -9.41 36.17 -1.10
CA THR A 85 -10.49 36.79 -1.86
C THR A 85 -10.22 36.71 -3.36
N ASP A 86 -11.28 36.97 -4.12
CA ASP A 86 -11.22 37.10 -5.58
C ASP A 86 -10.60 35.87 -6.24
N LEU A 87 -11.26 34.74 -6.06
CA LEU A 87 -10.82 33.46 -6.61
C LEU A 87 -11.74 33.00 -7.72
N ARG A 88 -11.21 32.12 -8.54
CA ARG A 88 -11.97 31.39 -9.55
C ARG A 88 -11.77 29.90 -9.33
N PHE A 89 -12.73 29.11 -9.80
CA PHE A 89 -12.70 27.68 -9.56
C PHE A 89 -12.87 26.93 -10.87
N GLN A 90 -12.10 25.87 -11.04
CA GLN A 90 -12.32 24.94 -12.13
C GLN A 90 -13.44 23.99 -11.75
N SER A 91 -14.39 23.78 -12.66
CA SER A 91 -15.53 22.92 -12.36
C SER A 91 -15.09 21.56 -11.86
N SER A 92 -13.99 21.04 -12.41
CA SER A 92 -13.45 19.79 -11.91
C SER A 92 -13.07 19.89 -10.45
N ALA A 93 -12.60 21.04 -10.00
CA ALA A 93 -12.22 21.17 -8.60
C ALA A 93 -13.44 21.15 -7.70
N VAL A 94 -14.51 21.82 -8.12
CA VAL A 94 -15.75 21.78 -7.33
C VAL A 94 -16.28 20.36 -7.28
N MET A 95 -16.23 19.63 -8.39
CA MET A 95 -16.70 18.25 -8.38
C MET A 95 -15.83 17.39 -7.47
N ALA A 96 -14.52 17.58 -7.49
CA ALA A 96 -13.66 16.81 -6.60
C ALA A 96 -13.97 17.11 -5.14
N LEU A 97 -14.20 18.38 -4.82
CA LEU A 97 -14.58 18.74 -3.47
C LEU A 97 -15.87 18.04 -3.07
N GLN A 98 -16.85 18.01 -3.97
CA GLN A 98 -18.12 17.37 -3.65
C GLN A 98 -17.94 15.88 -3.42
N GLU A 99 -17.15 15.22 -4.27
CA GLU A 99 -16.92 13.79 -4.08
C GLU A 99 -16.24 13.51 -2.75
N ALA A 100 -15.21 14.28 -2.42
CA ALA A 100 -14.51 14.06 -1.16
C ALA A 100 -15.44 14.28 0.02
N CYS A 101 -16.23 15.36 -0.01
CA CYS A 101 -17.13 15.65 1.10
C CYS A 101 -18.17 14.54 1.26
N GLU A 102 -18.75 14.07 0.16
CA GLU A 102 -19.75 13.03 0.26
C GLU A 102 -19.17 11.75 0.81
N ALA A 103 -18.00 11.34 0.31
CA ALA A 103 -17.40 10.11 0.82
C ALA A 103 -17.07 10.24 2.30
N TYR A 104 -16.59 11.41 2.71
CA TYR A 104 -16.28 11.60 4.12
C TYR A 104 -17.54 11.50 4.97
N LEU A 105 -18.61 12.16 4.55
CA LEU A 105 -19.84 12.13 5.32
C LEU A 105 -20.43 10.74 5.37
N VAL A 106 -20.32 9.99 4.28
CA VAL A 106 -20.85 8.63 4.29
C VAL A 106 -20.07 7.75 5.25
N GLY A 107 -18.74 7.87 5.26
CA GLY A 107 -17.97 7.13 6.24
C GLY A 107 -18.32 7.53 7.67
N LEU A 108 -18.50 8.82 7.91
CA LEU A 108 -18.84 9.29 9.24
C LEU A 108 -20.20 8.74 9.68
N PHE A 109 -21.15 8.67 8.76
CA PHE A 109 -22.45 8.12 9.12
C PHE A 109 -22.41 6.62 9.33
N GLU A 110 -21.57 5.90 8.59
CA GLU A 110 -21.39 4.49 8.90
C GLU A 110 -20.89 4.29 10.32
N ASP A 111 -19.85 5.03 10.71
CA ASP A 111 -19.32 4.87 12.07
C ASP A 111 -20.30 5.38 13.12
N THR A 112 -21.04 6.44 12.82
CA THR A 112 -22.06 6.92 13.75
C THR A 112 -23.14 5.87 13.96
N ASN A 113 -23.58 5.23 12.89
CA ASN A 113 -24.58 4.18 13.03
C ASN A 113 -24.05 3.02 13.85
N LEU A 114 -22.77 2.69 13.67
CA LEU A 114 -22.17 1.66 14.51
C LEU A 114 -22.25 2.05 15.98
N CYS A 115 -21.92 3.30 16.30
CA CYS A 115 -22.01 3.74 17.69
C CYS A 115 -23.43 3.62 18.22
N ALA A 116 -24.39 4.14 17.45
CA ALA A 116 -25.78 4.16 17.91
C ALA A 116 -26.31 2.75 18.12
N ILE A 117 -25.88 1.81 17.28
CA ILE A 117 -26.25 0.41 17.52
C ILE A 117 -25.56 -0.12 18.75
N HIS A 118 -24.32 0.30 18.98
CA HIS A 118 -23.59 -0.14 20.16
C HIS A 118 -24.28 0.28 21.45
N ALA A 119 -24.90 1.45 21.44
CA ALA A 119 -25.59 1.92 22.64
C ALA A 119 -27.02 1.40 22.74
N LYS A 120 -27.33 0.31 22.05
CA LYS A 120 -28.65 -0.30 22.08
C LYS A 120 -29.73 0.68 21.61
N ARG A 121 -29.45 1.33 20.49
CA ARG A 121 -30.42 2.23 19.88
C ARG A 121 -30.41 1.99 18.38
N VAL A 122 -31.39 2.58 17.70
CA VAL A 122 -31.41 2.61 16.24
C VAL A 122 -31.42 4.01 15.68
N THR A 123 -31.56 5.03 16.53
CA THR A 123 -31.49 6.42 16.09
C THR A 123 -30.09 6.95 16.32
N ILE A 124 -29.60 7.74 15.38
CA ILE A 124 -28.32 8.42 15.56
C ILE A 124 -28.59 9.76 16.21
N MET A 125 -27.79 10.10 17.22
CA MET A 125 -27.91 11.33 17.96
C MET A 125 -26.57 12.04 17.93
N PRO A 126 -26.54 13.35 18.22
CA PRO A 126 -25.28 14.08 18.07
C PRO A 126 -24.15 13.52 18.91
N LYS A 127 -24.44 12.93 20.07
CA LYS A 127 -23.34 12.36 20.83
C LYS A 127 -22.72 11.18 20.11
N ASP A 128 -23.48 10.49 19.25
CA ASP A 128 -22.91 9.44 18.44
C ASP A 128 -21.87 9.99 17.47
N ILE A 129 -22.21 11.05 16.75
CA ILE A 129 -21.27 11.66 15.81
C ILE A 129 -20.05 12.17 16.54
N GLN A 130 -20.27 12.82 17.69
CA GLN A 130 -19.13 13.36 18.43
C GLN A 130 -18.21 12.24 18.90
N LEU A 131 -18.78 11.12 19.33
CA LEU A 131 -17.95 9.99 19.74
C LEU A 131 -17.20 9.40 18.55
N ALA A 132 -17.87 9.29 17.41
CA ALA A 132 -17.20 8.77 16.23
C ALA A 132 -16.00 9.62 15.86
N ARG A 133 -16.18 10.94 15.85
CA ARG A 133 -15.08 11.82 15.49
C ARG A 133 -13.99 11.84 16.56
N ARG A 134 -14.36 11.68 17.83
CA ARG A 134 -13.36 11.70 18.87
C ARG A 134 -12.52 10.43 18.84
N ILE A 135 -13.14 9.29 18.53
CA ILE A 135 -12.39 8.04 18.47
C ILE A 135 -11.55 7.98 17.21
N ARG A 136 -12.15 8.34 16.08
CA ARG A 136 -11.48 8.28 14.80
C ARG A 136 -10.17 9.06 14.79
N GLY A 137 -10.01 10.00 15.72
CA GLY A 137 -8.79 10.76 15.81
C GLY A 137 -8.81 12.07 15.07
N GLU A 138 -9.99 12.61 14.77
CA GLU A 138 -10.06 13.82 13.97
C GLU A 138 -9.82 15.05 14.82
N ARG A 139 -10.59 15.23 15.89
CA ARG A 139 -10.56 16.46 16.67
C ARG A 139 -9.96 16.27 18.05
N ALA A 140 -10.15 15.10 18.65
CA ALA A 140 -9.67 14.83 20.01
C ALA A 140 -10.23 15.82 21.04
N LYS B 25 -18.98 40.37 -4.21
CA LYS B 25 -20.09 39.44 -4.27
C LYS B 25 -20.13 38.54 -3.03
N VAL B 26 -20.42 39.14 -1.88
CA VAL B 26 -20.43 38.37 -0.63
C VAL B 26 -21.64 37.44 -0.60
N LEU B 27 -21.58 36.47 0.31
CA LEU B 27 -22.64 35.49 0.49
C LEU B 27 -22.81 35.18 1.97
N ARG B 28 -24.00 34.71 2.32
CA ARG B 28 -24.32 34.41 3.72
C ARG B 28 -25.14 33.13 3.79
N ASP B 29 -25.06 32.49 4.96
CA ASP B 29 -25.83 31.28 5.33
C ASP B 29 -26.05 30.33 4.16
N ASN B 30 -24.96 30.07 3.43
CA ASN B 30 -25.04 29.10 2.34
C ASN B 30 -24.97 27.68 2.85
N ILE B 31 -24.50 27.46 4.07
CA ILE B 31 -24.46 26.10 4.61
C ILE B 31 -25.86 25.57 4.85
N GLN B 32 -26.87 26.45 4.91
CA GLN B 32 -28.23 25.97 4.92
C GLN B 32 -28.67 25.43 3.58
N GLY B 33 -27.79 25.49 2.57
CA GLY B 33 -28.06 24.80 1.32
C GLY B 33 -27.92 23.30 1.42
N ILE B 34 -27.23 22.83 2.45
CA ILE B 34 -27.17 21.40 2.71
C ILE B 34 -28.42 21.05 3.50
N THR B 35 -29.50 20.80 2.80
CA THR B 35 -30.81 20.74 3.43
C THR B 35 -30.93 19.49 4.29
N LYS B 36 -32.09 19.31 4.87
CA LYS B 36 -32.34 18.17 5.72
C LYS B 36 -32.55 16.91 4.88
N PRO B 37 -33.28 16.97 3.77
CA PRO B 37 -33.36 15.77 2.92
C PRO B 37 -32.02 15.31 2.38
N ALA B 38 -31.11 16.23 2.06
CA ALA B 38 -29.81 15.79 1.55
C ALA B 38 -29.05 15.04 2.62
N ILE B 39 -29.10 15.51 3.86
CA ILE B 39 -28.42 14.79 4.93
C ILE B 39 -29.10 13.48 5.21
N ARG B 40 -30.43 13.43 5.08
CA ARG B 40 -31.11 12.15 5.26
C ARG B 40 -30.69 11.16 4.18
N ARG B 41 -30.50 11.62 2.95
CA ARG B 41 -30.03 10.73 1.90
C ARG B 41 -28.62 10.24 2.20
N LEU B 42 -27.73 11.16 2.58
CA LEU B 42 -26.38 10.75 2.94
C LEU B 42 -26.39 9.73 4.06
N ALA B 43 -27.32 9.87 5.00
CA ALA B 43 -27.37 8.92 6.10
C ALA B 43 -27.95 7.59 5.68
N ARG B 44 -28.90 7.60 4.74
CA ARG B 44 -29.43 6.35 4.21
C ARG B 44 -28.33 5.56 3.53
N ARG B 45 -27.59 6.21 2.63
CA ARG B 45 -26.49 5.52 1.97
C ARG B 45 -25.51 4.95 2.98
N GLY B 46 -25.32 5.62 4.10
CA GLY B 46 -24.45 5.08 5.12
C GLY B 46 -25.07 3.94 5.90
N GLY B 47 -26.35 3.67 5.71
CA GLY B 47 -27.00 2.58 6.41
C GLY B 47 -27.53 3.00 7.75
N VAL B 48 -28.32 4.06 7.80
CA VAL B 48 -28.90 4.58 9.02
C VAL B 48 -30.41 4.57 8.87
N LYS B 49 -31.10 3.99 9.85
CA LYS B 49 -32.52 3.70 9.69
C LYS B 49 -33.41 4.76 10.31
N ARG B 50 -32.92 5.55 11.26
CA ARG B 50 -33.76 6.49 11.97
C ARG B 50 -32.88 7.60 12.51
N ILE B 51 -33.16 8.84 12.15
CA ILE B 51 -32.27 9.96 12.42
C ILE B 51 -32.93 10.92 13.39
N SER B 52 -32.16 11.40 14.36
CA SER B 52 -32.67 12.33 15.35
C SER B 52 -32.61 13.76 14.82
N GLY B 53 -33.61 14.55 15.22
CA GLY B 53 -33.75 15.90 14.70
C GLY B 53 -32.61 16.83 15.02
N LEU B 54 -31.70 16.44 15.88
CA LEU B 54 -30.56 17.26 16.22
C LEU B 54 -29.30 16.88 15.47
N ILE B 55 -29.38 15.92 14.55
CA ILE B 55 -28.21 15.55 13.75
C ILE B 55 -27.92 16.61 12.71
N TYR B 56 -28.96 17.04 11.99
CA TYR B 56 -28.78 17.92 10.84
C TYR B 56 -27.81 19.05 11.14
N GLU B 57 -28.17 19.91 12.09
CA GLU B 57 -27.29 21.01 12.47
C GLU B 57 -25.88 20.51 12.74
N GLU B 58 -25.75 19.56 13.67
CA GLU B 58 -24.45 18.98 13.96
C GLU B 58 -23.70 18.62 12.69
N THR B 59 -24.34 17.84 11.81
CA THR B 59 -23.67 17.41 10.59
C THR B 59 -23.12 18.60 9.84
N ARG B 60 -23.95 19.63 9.63
CA ARG B 60 -23.51 20.80 8.89
C ARG B 60 -22.20 21.32 9.49
N GLY B 61 -22.18 21.47 10.80
CA GLY B 61 -20.98 21.89 11.49
C GLY B 61 -19.80 21.06 11.04
N VAL B 62 -19.89 19.75 11.27
CA VAL B 62 -18.81 18.85 10.86
C VAL B 62 -18.43 19.11 9.42
N LEU B 63 -19.41 19.11 8.53
CA LEU B 63 -19.13 19.30 7.11
C LEU B 63 -18.30 20.55 6.89
N LYS B 64 -18.75 21.67 7.46
CA LYS B 64 -18.03 22.92 7.27
C LYS B 64 -16.58 22.77 7.67
N VAL B 65 -16.34 22.19 8.85
CA VAL B 65 -14.97 22.03 9.33
C VAL B 65 -14.14 21.30 8.28
N PHE B 66 -14.69 20.20 7.75
CA PHE B 66 -13.94 19.43 6.77
C PHE B 66 -13.53 20.31 5.61
N LEU B 67 -14.46 21.10 5.08
CA LEU B 67 -14.11 21.96 3.97
C LEU B 67 -13.05 22.98 4.38
N GLU B 68 -13.18 23.54 5.57
CA GLU B 68 -12.18 24.52 5.95
C GLU B 68 -10.86 23.91 6.24
N ASN B 69 -10.65 22.61 6.01
CA ASN B 69 -9.34 22.04 6.09
C ASN B 69 -8.84 21.53 4.75
N VAL B 70 -9.69 21.52 3.73
CA VAL B 70 -9.26 21.15 2.39
C VAL B 70 -9.06 22.38 1.53
N ILE B 71 -10.07 23.24 1.46
CA ILE B 71 -9.95 24.45 0.68
C ILE B 71 -8.74 25.26 1.12
N ARG B 72 -8.56 25.40 2.43
CA ARG B 72 -7.39 26.14 2.92
C ARG B 72 -6.10 25.61 2.33
N ASP B 73 -5.99 24.29 2.20
CA ASP B 73 -4.80 23.73 1.56
C ASP B 73 -4.84 23.94 0.05
N ALA B 74 -6.00 23.69 -0.58
CA ALA B 74 -6.10 23.87 -2.02
C ALA B 74 -5.67 25.27 -2.41
N VAL B 75 -6.28 26.28 -1.78
CA VAL B 75 -5.90 27.67 -2.07
C VAL B 75 -4.42 27.87 -1.84
N THR B 76 -3.86 27.26 -0.80
CA THR B 76 -2.44 27.43 -0.53
C THR B 76 -1.60 26.97 -1.70
N TYR B 77 -2.01 25.92 -2.40
CA TYR B 77 -1.30 25.54 -3.61
C TYR B 77 -1.49 26.57 -4.69
N THR B 78 -2.73 27.03 -4.88
CA THR B 78 -3.00 28.03 -5.92
C THR B 78 -2.21 29.30 -5.67
N GLU B 79 -2.17 29.77 -4.43
CA GLU B 79 -1.37 30.94 -4.12
C GLU B 79 0.09 30.72 -4.47
N HIS B 80 0.58 29.50 -4.35
CA HIS B 80 2.00 29.26 -4.59
C HIS B 80 2.33 29.30 -6.07
N ALA B 81 1.57 28.58 -6.89
CA ALA B 81 1.85 28.58 -8.32
C ALA B 81 1.50 29.89 -8.99
N LYS B 82 1.08 30.90 -8.23
CA LYS B 82 0.75 32.22 -8.76
C LYS B 82 -0.37 32.13 -9.79
N ARG B 83 -1.44 31.44 -9.42
CA ARG B 83 -2.62 31.30 -10.24
C ARG B 83 -3.82 31.89 -9.51
N LYS B 84 -4.94 32.00 -10.21
CA LYS B 84 -6.18 32.47 -9.60
C LYS B 84 -7.32 31.48 -9.77
N THR B 85 -7.05 30.28 -10.28
CA THR B 85 -8.06 29.25 -10.42
C THR B 85 -7.60 28.01 -9.66
N VAL B 86 -8.40 27.59 -8.69
CA VAL B 86 -8.11 26.35 -7.97
C VAL B 86 -8.40 25.19 -8.91
N THR B 87 -7.35 24.56 -9.43
CA THR B 87 -7.53 23.48 -10.38
C THR B 87 -7.82 22.17 -9.66
N ALA B 88 -8.25 21.18 -10.44
CA ALA B 88 -8.58 19.89 -9.85
C ALA B 88 -7.36 19.27 -9.19
N MET B 89 -6.19 19.44 -9.79
CA MET B 89 -4.98 18.88 -9.19
C MET B 89 -4.68 19.52 -7.85
N ASP B 90 -5.02 20.80 -7.69
CA ASP B 90 -4.83 21.44 -6.39
C ASP B 90 -5.66 20.74 -5.33
N VAL B 91 -6.95 20.52 -5.62
CA VAL B 91 -7.83 19.86 -4.65
C VAL B 91 -7.36 18.44 -4.39
N VAL B 92 -6.92 17.74 -5.42
CA VAL B 92 -6.49 16.36 -5.25
C VAL B 92 -5.23 16.29 -4.38
N TYR B 93 -4.31 17.24 -4.58
CA TYR B 93 -3.11 17.27 -3.74
C TYR B 93 -3.47 17.62 -2.31
N ALA B 94 -4.38 18.57 -2.13
CA ALA B 94 -4.80 18.93 -0.78
C ALA B 94 -5.44 17.75 -0.07
N LEU B 95 -6.23 16.97 -0.79
CA LEU B 95 -6.82 15.78 -0.20
C LEU B 95 -5.75 14.76 0.14
N LYS B 96 -4.90 14.41 -0.83
CA LYS B 96 -3.85 13.43 -0.58
C LYS B 96 -2.98 13.83 0.61
N ARG B 97 -2.86 15.13 0.87
CA ARG B 97 -2.07 15.57 2.00
C ARG B 97 -2.71 15.17 3.32
N GLN B 98 -4.04 15.10 3.37
CA GLN B 98 -4.73 14.74 4.61
C GLN B 98 -4.91 13.25 4.79
N GLY B 99 -4.47 12.43 3.85
CA GLY B 99 -4.69 11.01 3.95
C GLY B 99 -6.03 10.55 3.44
N ARG B 100 -6.60 11.25 2.47
CA ARG B 100 -7.88 10.89 1.86
C ARG B 100 -7.74 10.86 0.36
N THR B 101 -6.72 10.16 -0.14
CA THR B 101 -6.42 10.09 -1.56
C THR B 101 -7.68 9.87 -2.37
N LEU B 102 -7.82 10.63 -3.45
CA LEU B 102 -9.01 10.60 -4.28
C LEU B 102 -8.61 10.24 -5.70
N TYR B 103 -9.19 9.17 -6.24
CA TYR B 103 -8.91 8.72 -7.59
C TYR B 103 -9.98 9.21 -8.53
N GLY B 104 -9.58 9.57 -9.75
CA GLY B 104 -10.53 9.88 -10.80
C GLY B 104 -10.38 11.26 -11.41
N PHE B 105 -9.59 12.15 -10.84
CA PHE B 105 -9.45 13.50 -11.37
C PHE B 105 -8.03 13.84 -11.76
N GLY B 106 -7.07 12.94 -11.54
CA GLY B 106 -5.70 13.19 -11.94
C GLY B 106 -4.72 12.76 -10.87
N GLY B 107 -3.45 12.61 -11.25
CA GLY B 107 -2.42 12.24 -10.31
C GLY B 107 -2.65 10.90 -9.65
N ARG C 25 42.17 1.63 15.01
CA ARG C 25 40.98 2.19 14.40
C ARG C 25 40.42 3.35 15.20
N LYS C 26 39.41 4.03 14.65
CA LYS C 26 38.75 5.12 15.33
C LYS C 26 37.27 5.11 14.99
N ARG C 27 36.44 5.36 15.99
CA ARG C 27 35.00 5.37 15.80
C ARG C 27 34.59 6.48 14.84
N SER C 28 33.68 6.16 13.93
CA SER C 28 33.15 7.16 13.02
C SER C 28 32.27 8.16 13.78
N ARG C 29 32.12 9.34 13.22
CA ARG C 29 31.41 10.42 13.87
C ARG C 29 29.95 10.46 13.45
N LYS C 30 29.09 10.77 14.41
CA LYS C 30 27.65 10.84 14.20
C LYS C 30 27.19 12.26 14.48
N GLU C 31 26.63 12.92 13.48
CA GLU C 31 26.14 14.27 13.66
C GLU C 31 24.81 14.26 14.42
N SER C 32 24.52 15.37 15.08
CA SER C 32 23.29 15.53 15.83
C SER C 32 23.09 17.01 16.11
N TYR C 33 21.87 17.35 16.52
CA TYR C 33 21.52 18.72 16.85
C TYR C 33 21.64 19.01 18.35
N SER C 34 22.54 18.32 19.04
CA SER C 34 22.61 18.46 20.49
C SER C 34 23.03 19.87 20.88
N ILE C 35 24.17 20.33 20.35
CA ILE C 35 24.69 21.62 20.80
C ILE C 35 23.78 22.76 20.39
N TYR C 36 23.11 22.64 19.25
CA TYR C 36 22.24 23.72 18.81
C TYR C 36 20.98 23.80 19.65
N VAL C 37 20.39 22.65 19.98
CA VAL C 37 19.26 22.63 20.91
C VAL C 37 19.70 23.19 22.26
N TYR C 38 20.90 22.86 22.69
CA TYR C 38 21.36 23.38 23.97
C TYR C 38 21.54 24.89 23.93
N LYS C 39 22.01 25.42 22.81
CA LYS C 39 22.12 26.87 22.68
C LYS C 39 20.76 27.52 22.74
N VAL C 40 19.79 26.98 21.99
CA VAL C 40 18.44 27.55 22.02
C VAL C 40 17.86 27.49 23.42
N LEU C 41 18.09 26.38 24.12
CA LEU C 41 17.64 26.26 25.50
C LEU C 41 18.22 27.37 26.35
N LYS C 42 19.55 27.47 26.39
CA LYS C 42 20.19 28.51 27.19
C LYS C 42 19.78 29.91 26.75
N GLN C 43 19.21 30.05 25.57
CA GLN C 43 18.59 31.34 25.25
C GLN C 43 17.24 31.49 25.92
N VAL C 44 16.44 30.43 25.92
CA VAL C 44 15.06 30.52 26.41
C VAL C 44 15.04 30.46 27.93
N HIS C 45 15.54 29.38 28.51
CA HIS C 45 15.63 29.21 29.95
C HIS C 45 17.09 29.25 30.36
N PRO C 46 17.64 30.42 30.70
CA PRO C 46 19.09 30.52 30.95
C PRO C 46 19.58 29.75 32.16
N ASP C 47 18.72 28.99 32.85
CA ASP C 47 19.14 28.28 34.04
C ASP C 47 18.70 26.83 34.09
N THR C 48 17.97 26.34 33.09
CA THR C 48 17.39 25.01 33.10
C THR C 48 18.17 24.09 32.17
N GLY C 49 18.72 23.01 32.72
CA GLY C 49 19.43 22.04 31.92
C GLY C 49 18.50 21.16 31.12
N ILE C 50 19.03 20.04 30.65
CA ILE C 50 18.25 19.08 29.88
C ILE C 50 18.97 17.74 29.92
N SER C 51 18.20 16.68 30.09
CA SER C 51 18.77 15.34 30.25
C SER C 51 18.90 14.64 28.92
N SER C 52 19.77 13.63 28.88
CA SER C 52 20.18 13.01 27.62
C SER C 52 18.99 12.45 26.86
N LYS C 53 18.07 11.78 27.55
CA LYS C 53 16.92 11.23 26.85
C LYS C 53 16.05 12.35 26.28
N ALA C 54 15.89 13.43 27.02
CA ALA C 54 15.18 14.59 26.48
C ALA C 54 15.93 15.15 25.28
N MET C 55 17.26 15.10 25.31
CA MET C 55 18.03 15.59 24.18
C MET C 55 17.80 14.71 22.95
N GLY C 56 17.76 13.39 23.15
CA GLY C 56 17.46 12.51 22.03
C GLY C 56 16.08 12.75 21.47
N ILE C 57 15.12 13.04 22.35
CA ILE C 57 13.77 13.32 21.88
C ILE C 57 13.74 14.59 21.06
N MET C 58 14.38 15.65 21.55
CA MET C 58 14.41 16.91 20.81
C MET C 58 15.12 16.74 19.49
N ASN C 59 16.19 15.95 19.48
CA ASN C 59 16.94 15.70 18.26
C ASN C 59 16.07 14.98 17.23
N SER C 60 15.39 13.92 17.65
CA SER C 60 14.51 13.22 16.73
C SER C 60 13.37 14.10 16.27
N PHE C 61 12.91 15.01 17.12
CA PHE C 61 11.85 15.92 16.72
C PHE C 61 12.33 16.87 15.63
N VAL C 62 13.53 17.42 15.81
CA VAL C 62 14.10 18.30 14.79
C VAL C 62 14.26 17.54 13.48
N ASN C 63 14.76 16.31 13.55
CA ASN C 63 14.94 15.52 12.34
C ASN C 63 13.60 15.28 11.65
N ASP C 64 12.57 14.91 12.41
CA ASP C 64 11.27 14.63 11.81
C ASP C 64 10.67 15.87 11.17
N ILE C 65 10.76 17.01 11.85
CA ILE C 65 10.19 18.22 11.27
C ILE C 65 10.96 18.64 10.04
N PHE C 66 12.29 18.51 10.08
CA PHE C 66 13.08 18.81 8.90
C PHE C 66 12.66 17.93 7.74
N GLU C 67 12.44 16.65 8.00
CA GLU C 67 12.05 15.74 6.93
C GLU C 67 10.68 16.10 6.39
N ARG C 68 9.71 16.37 7.26
CA ARG C 68 8.37 16.74 6.80
C ARG C 68 8.44 17.97 5.92
N ILE C 69 9.08 19.03 6.40
CA ILE C 69 9.11 20.29 5.66
C ILE C 69 9.84 20.12 4.35
N ALA C 70 11.00 19.45 4.37
CA ALA C 70 11.78 19.31 3.15
C ALA C 70 11.04 18.47 2.12
N GLY C 71 10.46 17.35 2.54
CA GLY C 71 9.72 16.52 1.60
C GLY C 71 8.50 17.23 1.04
N GLU C 72 7.82 18.01 1.86
CA GLU C 72 6.68 18.76 1.36
C GLU C 72 7.12 19.80 0.34
N ALA C 73 8.20 20.51 0.62
CA ALA C 73 8.72 21.46 -0.35
C ALA C 73 9.18 20.76 -1.62
N SER C 74 9.67 19.53 -1.48
CA SER C 74 10.10 18.78 -2.65
C SER C 74 8.92 18.43 -3.55
N ARG C 75 7.87 17.85 -2.97
CA ARG C 75 6.67 17.58 -3.74
C ARG C 75 6.11 18.86 -4.34
N LEU C 76 6.23 19.98 -3.62
CA LEU C 76 5.65 21.22 -4.09
C LEU C 76 6.43 21.78 -5.27
N ALA C 77 7.75 21.68 -5.23
CA ALA C 77 8.55 22.11 -6.37
C ALA C 77 8.46 21.13 -7.52
N HIS C 78 8.07 19.89 -7.26
CA HIS C 78 7.91 18.95 -8.36
C HIS C 78 6.53 19.08 -9.01
N TYR C 79 5.54 19.60 -8.29
CA TYR C 79 4.23 19.77 -8.89
C TYR C 79 4.25 20.82 -9.99
N ASN C 80 4.96 21.92 -9.77
CA ASN C 80 5.02 23.02 -10.73
C ASN C 80 6.16 22.87 -11.72
N LYS C 81 6.76 21.68 -11.81
CA LYS C 81 7.84 21.39 -12.75
C LYS C 81 9.07 22.24 -12.51
N ARG C 82 9.19 22.87 -11.34
CA ARG C 82 10.42 23.53 -11.00
C ARG C 82 11.50 22.51 -10.68
N SER C 83 12.74 22.98 -10.64
CA SER C 83 13.88 22.13 -10.28
C SER C 83 14.65 22.68 -9.09
N THR C 84 14.18 23.75 -8.48
CA THR C 84 14.91 24.43 -7.42
C THR C 84 14.04 24.54 -6.19
N ILE C 85 14.59 24.21 -5.04
CA ILE C 85 13.92 24.44 -3.75
C ILE C 85 14.33 25.83 -3.31
N THR C 86 13.55 26.83 -3.71
CA THR C 86 13.81 28.20 -3.29
C THR C 86 13.37 28.36 -1.84
N SER C 87 13.40 29.59 -1.33
CA SER C 87 12.86 29.82 0.00
C SER C 87 11.34 29.82 -0.03
N ARG C 88 10.75 30.25 -1.14
CA ARG C 88 9.30 30.26 -1.25
C ARG C 88 8.72 28.87 -1.08
N GLU C 89 9.43 27.84 -1.54
CA GLU C 89 8.96 26.48 -1.36
C GLU C 89 8.88 26.12 0.12
N ILE C 90 9.92 26.46 0.88
CA ILE C 90 9.90 26.18 2.31
C ILE C 90 8.80 26.99 2.98
N GLN C 91 8.57 28.20 2.54
CA GLN C 91 7.53 29.03 3.15
C GLN C 91 6.16 28.40 2.93
N THR C 92 5.88 27.96 1.72
CA THR C 92 4.57 27.35 1.47
C THR C 92 4.45 26.00 2.15
N ALA C 93 5.54 25.24 2.24
CA ALA C 93 5.48 23.98 2.99
C ALA C 93 5.17 24.23 4.44
N VAL C 94 5.75 25.28 5.02
CA VAL C 94 5.42 25.64 6.41
C VAL C 94 3.96 26.03 6.53
N ARG C 95 3.47 26.85 5.60
CA ARG C 95 2.07 27.23 5.65
C ARG C 95 1.16 26.01 5.55
N LEU C 96 1.60 24.97 4.85
CA LEU C 96 0.77 23.78 4.68
C LEU C 96 0.89 22.82 5.85
N LEU C 97 1.99 22.88 6.59
CA LEU C 97 2.32 21.80 7.50
C LEU C 97 2.05 22.11 8.96
N LEU C 98 1.87 23.37 9.32
CA LEU C 98 1.76 23.72 10.73
C LEU C 98 0.39 24.31 11.03
N PRO C 99 -0.08 24.20 12.27
CA PRO C 99 -1.34 24.83 12.65
C PRO C 99 -1.24 26.34 12.58
N GLY C 100 -2.37 27.00 12.77
CA GLY C 100 -2.50 28.43 12.52
C GLY C 100 -1.44 29.33 13.10
N GLU C 101 -1.40 29.44 14.43
CA GLU C 101 -0.48 30.40 15.06
C GLU C 101 0.96 29.99 14.84
N LEU C 102 1.25 28.69 14.86
CA LEU C 102 2.61 28.25 14.58
C LEU C 102 3.01 28.58 13.16
N ALA C 103 2.10 28.36 12.20
CA ALA C 103 2.41 28.71 10.82
C ALA C 103 2.74 30.20 10.71
N LYS C 104 1.89 31.04 11.28
CA LYS C 104 2.11 32.49 11.18
C LYS C 104 3.44 32.89 11.79
N HIS C 105 3.70 32.44 13.02
CA HIS C 105 4.92 32.86 13.69
C HIS C 105 6.16 32.31 13.01
N ALA C 106 6.11 31.06 12.53
CA ALA C 106 7.28 30.47 11.89
C ALA C 106 7.57 31.14 10.56
N VAL C 107 6.52 31.46 9.78
CA VAL C 107 6.74 32.20 8.55
C VAL C 107 7.35 33.57 8.85
N SER C 108 6.89 34.22 9.91
CA SER C 108 7.47 35.50 10.29
C SER C 108 8.95 35.36 10.61
N GLU C 109 9.30 34.37 11.44
CA GLU C 109 10.70 34.15 11.80
C GLU C 109 11.54 33.85 10.58
N GLY C 110 11.03 33.01 9.68
CA GLY C 110 11.79 32.68 8.49
C GLY C 110 12.06 33.88 7.61
N THR C 111 11.01 34.68 7.34
CA THR C 111 11.21 35.86 6.52
C THR C 111 12.20 36.81 7.17
N LYS C 112 12.10 36.99 8.48
CA LYS C 112 13.04 37.85 9.18
C LYS C 112 14.48 37.37 9.00
N ALA C 113 14.70 36.07 9.21
CA ALA C 113 16.06 35.55 9.10
C ALA C 113 16.59 35.65 7.68
N VAL C 114 15.76 35.37 6.69
CA VAL C 114 16.23 35.41 5.31
C VAL C 114 16.57 36.83 4.90
N THR C 115 15.73 37.80 5.26
CA THR C 115 16.04 39.17 4.87
C THR C 115 17.25 39.70 5.62
N LYS C 116 17.44 39.29 6.88
CA LYS C 116 18.65 39.70 7.60
C LYS C 116 19.88 39.08 6.97
N TYR C 117 19.76 37.84 6.49
CA TYR C 117 20.89 37.17 5.87
C TYR C 117 21.27 37.82 4.55
N THR C 118 20.27 38.12 3.72
CA THR C 118 20.57 38.68 2.41
C THR C 118 20.97 40.14 2.47
N SER C 119 20.53 40.88 3.49
CA SER C 119 20.90 42.28 3.57
C SER C 119 22.25 42.45 4.28
N LYS D 42 -14.71 -4.75 61.95
CA LYS D 42 -13.38 -4.19 62.17
C LYS D 42 -12.44 -4.09 60.95
N PRO D 43 -12.34 -5.14 60.13
CA PRO D 43 -11.42 -5.04 59.00
C PRO D 43 -11.83 -3.92 58.06
N HIS D 44 -11.03 -2.86 58.06
CA HIS D 44 -11.34 -1.66 57.27
C HIS D 44 -11.05 -1.92 55.81
N ARG D 45 -12.09 -1.91 54.99
CA ARG D 45 -11.94 -2.11 53.56
C ARG D 45 -12.72 -1.04 52.81
N TYR D 46 -12.06 -0.43 51.83
CA TYR D 46 -12.69 0.61 51.04
C TYR D 46 -13.83 0.03 50.21
N ARG D 47 -14.82 0.86 49.94
CA ARG D 47 -15.92 0.42 49.09
C ARG D 47 -15.38 0.13 47.70
N PRO D 48 -15.96 -0.83 47.00
CA PRO D 48 -15.50 -1.11 45.63
C PRO D 48 -15.72 0.06 44.71
N GLY D 49 -14.63 0.64 44.22
CA GLY D 49 -14.73 1.76 43.31
C GLY D 49 -13.80 2.90 43.67
N THR D 50 -13.12 2.79 44.81
CA THR D 50 -12.19 3.82 45.26
C THR D 50 -10.74 3.45 45.02
N VAL D 51 -10.36 2.22 45.34
CA VAL D 51 -9.01 1.78 45.02
C VAL D 51 -8.78 1.84 43.53
N ALA D 52 -9.82 1.67 42.73
CA ALA D 52 -9.68 1.79 41.28
C ALA D 52 -9.28 3.21 40.90
N LEU D 53 -9.97 4.21 41.43
CA LEU D 53 -9.62 5.59 41.10
C LEU D 53 -8.24 5.95 41.64
N ARG D 54 -7.92 5.48 42.85
CA ARG D 54 -6.60 5.74 43.38
C ARG D 54 -5.52 5.16 42.49
N GLU D 55 -5.74 3.95 41.97
CA GLU D 55 -4.78 3.35 41.05
C GLU D 55 -4.72 4.13 39.74
N ILE D 56 -5.85 4.61 39.26
CA ILE D 56 -5.84 5.43 38.04
C ILE D 56 -4.93 6.63 38.24
N ARG D 57 -5.07 7.32 39.36
CA ARG D 57 -4.23 8.48 39.62
C ARG D 57 -2.77 8.07 39.72
N ARG D 58 -2.49 7.02 40.49
CA ARG D 58 -1.11 6.60 40.70
C ARG D 58 -0.43 6.20 39.40
N TYR D 59 -1.16 5.61 38.47
CA TYR D 59 -0.53 5.16 37.23
C TYR D 59 -0.50 6.24 36.18
N GLN D 60 -1.44 7.18 36.18
CA GLN D 60 -1.32 8.30 35.28
C GLN D 60 -0.27 9.30 35.72
N LYS D 61 0.09 9.31 37.00
CA LYS D 61 1.09 10.22 37.51
C LYS D 61 2.52 9.73 37.33
N SER D 62 2.73 8.62 36.61
CA SER D 62 4.06 8.05 36.45
C SER D 62 4.31 7.75 34.99
N THR D 63 5.50 7.20 34.71
CA THR D 63 5.90 6.96 33.33
C THR D 63 6.55 5.60 33.09
N GLU D 64 6.94 4.87 34.12
CA GLU D 64 7.69 3.64 33.92
C GLU D 64 6.86 2.63 33.14
N LEU D 65 7.52 1.58 32.67
CA LEU D 65 6.84 0.53 31.92
C LEU D 65 5.96 -0.29 32.85
N LEU D 66 4.87 -0.79 32.31
CA LEU D 66 3.92 -1.60 33.07
C LEU D 66 4.00 -3.08 32.77
N ILE D 67 4.16 -3.46 31.51
CA ILE D 67 4.38 -4.85 31.16
C ILE D 67 5.80 -5.24 31.54
N ARG D 68 5.94 -6.30 32.32
CA ARG D 68 7.26 -6.69 32.79
C ARG D 68 8.17 -7.01 31.61
N LYS D 69 9.47 -6.86 31.84
CA LYS D 69 10.42 -6.84 30.71
C LYS D 69 10.57 -8.22 30.08
N LEU D 70 11.01 -9.20 30.86
CA LEU D 70 11.37 -10.49 30.29
C LEU D 70 10.22 -11.19 29.60
N PRO D 71 9.00 -11.22 30.13
CA PRO D 71 7.92 -11.87 29.37
C PRO D 71 7.65 -11.20 28.04
N PHE D 72 7.70 -9.87 27.98
CA PHE D 72 7.50 -9.21 26.70
C PHE D 72 8.65 -9.51 25.75
N GLN D 73 9.87 -9.57 26.27
CA GLN D 73 11.00 -9.92 25.41
C GLN D 73 10.83 -11.31 24.84
N ARG D 74 10.39 -12.26 25.66
CA ARG D 74 10.17 -13.62 25.18
C ARG D 74 9.09 -13.64 24.10
N LEU D 75 8.00 -12.92 24.32
CA LEU D 75 6.95 -12.87 23.30
C LEU D 75 7.49 -12.33 21.99
N VAL D 76 8.28 -11.26 22.07
CA VAL D 76 8.82 -10.67 20.84
C VAL D 76 9.72 -11.65 20.13
N ARG D 77 10.59 -12.33 20.88
CA ARG D 77 11.48 -13.30 20.24
C ARG D 77 10.71 -14.45 19.62
N GLU D 78 9.60 -14.85 20.24
CA GLU D 78 8.78 -15.92 19.66
C GLU D 78 8.19 -15.50 18.33
N ILE D 79 7.57 -14.32 18.29
CA ILE D 79 7.02 -13.85 17.02
C ILE D 79 8.12 -13.71 15.98
N ALA D 80 9.31 -13.28 16.42
CA ALA D 80 10.43 -13.16 15.49
C ALA D 80 10.80 -14.50 14.88
N GLN D 81 11.12 -15.49 15.71
CA GLN D 81 11.47 -16.79 15.18
C GLN D 81 10.36 -17.35 14.30
N ASP D 82 9.12 -16.91 14.52
CA ASP D 82 8.08 -17.28 13.58
C ASP D 82 8.32 -16.64 12.22
N PHE D 83 8.68 -15.36 12.20
CA PHE D 83 8.78 -14.68 10.90
C PHE D 83 10.04 -15.08 10.13
N LYS D 84 11.22 -14.82 10.68
CA LYS D 84 12.47 -15.26 10.07
C LYS D 84 13.33 -15.87 11.17
N THR D 85 13.69 -17.13 11.00
CA THR D 85 14.34 -17.87 12.08
C THR D 85 15.74 -17.34 12.36
N ASP D 86 16.27 -17.75 13.51
CA ASP D 86 17.65 -17.49 13.91
C ASP D 86 17.99 -16.01 13.85
N LEU D 87 17.29 -15.25 14.69
CA LEU D 87 17.48 -13.80 14.78
C LEU D 87 18.12 -13.42 16.09
N ARG D 88 18.70 -12.23 16.10
CA ARG D 88 19.20 -11.59 17.31
C ARG D 88 18.57 -10.21 17.42
N PHE D 89 18.49 -9.71 18.64
CA PHE D 89 17.81 -8.45 18.90
C PHE D 89 18.70 -7.51 19.68
N GLN D 90 18.70 -6.24 19.28
CA GLN D 90 19.32 -5.21 20.08
C GLN D 90 18.39 -4.80 21.21
N SER D 91 18.93 -4.73 22.42
CA SER D 91 18.10 -4.39 23.58
C SER D 91 17.30 -3.11 23.34
N SER D 92 17.89 -2.14 22.65
CA SER D 92 17.15 -0.94 22.31
C SER D 92 15.93 -1.26 21.46
N ALA D 93 16.03 -2.27 20.59
CA ALA D 93 14.88 -2.59 19.75
C ALA D 93 13.76 -3.21 20.57
N VAL D 94 14.10 -4.08 21.53
CA VAL D 94 13.09 -4.64 22.40
C VAL D 94 12.42 -3.54 23.21
N MET D 95 13.22 -2.59 23.71
CA MET D 95 12.63 -1.50 24.48
C MET D 95 11.72 -0.64 23.61
N ALA D 96 12.11 -0.37 22.37
CA ALA D 96 11.26 0.40 21.49
C ALA D 96 9.95 -0.33 21.22
N LEU D 97 10.04 -1.64 21.00
CA LEU D 97 8.83 -2.43 20.82
C LEU D 97 7.92 -2.32 22.03
N GLN D 98 8.49 -2.39 23.22
CA GLN D 98 7.68 -2.32 24.44
C GLN D 98 7.03 -0.96 24.57
N GLU D 99 7.76 0.11 24.29
CA GLU D 99 7.17 1.45 24.37
C GLU D 99 6.03 1.61 23.38
N ALA D 100 6.24 1.17 22.14
CA ALA D 100 5.18 1.30 21.15
C ALA D 100 3.95 0.50 21.55
N CYS D 101 4.16 -0.73 22.01
CA CYS D 101 3.02 -1.58 22.39
C CYS D 101 2.26 -0.96 23.55
N GLU D 102 2.97 -0.46 24.56
CA GLU D 102 2.29 0.12 25.70
C GLU D 102 1.50 1.36 25.31
N ALA D 103 2.10 2.24 24.50
CA ALA D 103 1.37 3.43 24.10
C ALA D 103 0.15 3.07 23.28
N TYR D 104 0.26 2.07 22.41
CA TYR D 104 -0.88 1.66 21.62
C TYR D 104 -1.99 1.11 22.51
N LEU D 105 -1.63 0.26 23.46
CA LEU D 105 -2.66 -0.31 24.33
C LEU D 105 -3.31 0.74 25.20
N VAL D 106 -2.53 1.74 25.64
CA VAL D 106 -3.12 2.80 26.46
C VAL D 106 -4.10 3.61 25.65
N GLY D 107 -3.74 3.95 24.41
CA GLY D 107 -4.71 4.64 23.56
C GLY D 107 -5.96 3.82 23.32
N LEU D 108 -5.79 2.53 23.08
CA LEU D 108 -6.94 1.66 22.84
C LEU D 108 -7.84 1.60 24.05
N PHE D 109 -7.26 1.57 25.25
CA PHE D 109 -8.08 1.54 26.45
C PHE D 109 -8.76 2.87 26.72
N GLU D 110 -8.13 3.99 26.36
CA GLU D 110 -8.82 5.26 26.45
C GLU D 110 -10.08 5.25 25.58
N ASP D 111 -9.92 4.84 24.32
CA ASP D 111 -11.09 4.84 23.43
C ASP D 111 -12.13 3.79 23.85
N THR D 112 -11.68 2.65 24.36
CA THR D 112 -12.60 1.65 24.86
C THR D 112 -13.41 2.19 26.03
N ASN D 113 -12.75 2.88 26.96
CA ASN D 113 -13.46 3.46 28.08
C ASN D 113 -14.46 4.49 27.61
N LEU D 114 -14.10 5.27 26.59
CA LEU D 114 -15.07 6.21 26.02
C LEU D 114 -16.30 5.47 25.50
N CYS D 115 -16.10 4.37 24.79
CA CYS D 115 -17.24 3.60 24.31
C CYS D 115 -18.10 3.10 25.46
N ALA D 116 -17.46 2.49 26.46
CA ALA D 116 -18.21 1.90 27.56
C ALA D 116 -19.01 2.96 28.32
N ILE D 117 -18.44 4.16 28.45
CA ILE D 117 -19.21 5.25 29.05
C ILE D 117 -20.35 5.65 28.14
N HIS D 118 -20.12 5.64 26.83
CA HIS D 118 -21.16 6.00 25.89
C HIS D 118 -22.36 5.07 25.99
N ALA D 119 -22.12 3.79 26.26
CA ALA D 119 -23.22 2.84 26.39
C ALA D 119 -23.83 2.81 27.78
N LYS D 120 -23.63 3.87 28.56
CA LYS D 120 -24.19 3.98 29.91
C LYS D 120 -23.69 2.84 30.79
N ARG D 121 -22.39 2.61 30.76
CA ARG D 121 -21.76 1.62 31.61
C ARG D 121 -20.47 2.20 32.17
N VAL D 122 -19.89 1.50 33.12
CA VAL D 122 -18.56 1.83 33.63
C VAL D 122 -17.58 0.68 33.47
N THR D 123 -18.04 -0.50 33.06
CA THR D 123 -17.18 -1.64 32.81
C THR D 123 -16.88 -1.71 31.32
N ILE D 124 -15.63 -2.03 30.99
CA ILE D 124 -15.27 -2.26 29.60
C ILE D 124 -15.47 -3.74 29.29
N MET D 125 -16.10 -4.02 28.16
CA MET D 125 -16.40 -5.36 27.70
C MET D 125 -15.80 -5.55 26.33
N PRO D 126 -15.62 -6.79 25.88
CA PRO D 126 -14.94 -7.00 24.59
C PRO D 126 -15.61 -6.31 23.43
N LYS D 127 -16.94 -6.16 23.45
CA LYS D 127 -17.57 -5.45 22.34
C LYS D 127 -17.14 -4.00 22.30
N ASP D 128 -16.78 -3.43 23.45
CA ASP D 128 -16.25 -2.07 23.46
C ASP D 128 -14.93 -1.99 22.70
N ILE D 129 -14.00 -2.90 22.99
CA ILE D 129 -12.73 -2.90 22.30
C ILE D 129 -12.92 -3.15 20.82
N GLN D 130 -13.80 -4.08 20.46
CA GLN D 130 -14.03 -4.37 19.06
C GLN D 130 -14.61 -3.16 18.34
N LEU D 131 -15.51 -2.44 19.00
CA LEU D 131 -16.06 -1.23 18.39
C LEU D 131 -14.99 -0.16 18.24
N ALA D 132 -14.14 0.00 19.25
CA ALA D 132 -13.08 1.00 19.16
C ALA D 132 -12.18 0.70 17.98
N ARG D 133 -11.77 -0.56 17.82
CA ARG D 133 -10.88 -0.89 16.71
C ARG D 133 -11.60 -0.81 15.38
N ARG D 134 -12.89 -1.10 15.33
CA ARG D 134 -13.60 -1.03 14.07
C ARG D 134 -13.79 0.41 13.62
N ILE D 135 -14.03 1.31 14.57
CA ILE D 135 -14.21 2.72 14.22
C ILE D 135 -12.88 3.36 13.89
N ARG D 136 -11.87 3.12 14.72
CA ARG D 136 -10.56 3.70 14.55
C ARG D 136 -9.99 3.43 13.17
N GLY D 137 -10.47 2.41 12.47
CA GLY D 137 -10.02 2.09 11.15
C GLY D 137 -8.91 1.07 11.08
N GLU D 138 -8.74 0.27 12.12
CA GLU D 138 -7.63 -0.67 12.16
C GLU D 138 -7.94 -1.92 11.33
N ARG D 139 -9.04 -2.60 11.66
CA ARG D 139 -9.33 -3.89 11.06
C ARG D 139 -10.51 -3.86 10.11
N ALA D 140 -11.49 -3.00 10.37
CA ALA D 140 -12.71 -2.92 9.55
C ALA D 140 -13.45 -4.25 9.47
N VAL E 26 13.29 -23.17 20.96
CA VAL E 26 11.94 -22.83 20.54
C VAL E 26 11.13 -22.40 21.76
N LEU E 27 10.13 -21.54 21.54
CA LEU E 27 9.29 -21.03 22.61
C LEU E 27 7.82 -21.17 22.22
N ARG E 28 6.97 -21.29 23.24
CA ARG E 28 5.54 -21.47 23.01
C ARG E 28 4.78 -21.03 24.25
N ASP E 29 3.56 -20.55 24.01
CA ASP E 29 2.67 -20.06 25.07
C ASP E 29 3.37 -19.01 25.93
N ASN E 30 3.71 -17.90 25.29
CA ASN E 30 4.30 -16.77 25.97
C ASN E 30 3.43 -15.53 25.94
N ILE E 31 2.34 -15.53 25.17
CA ILE E 31 1.38 -14.45 25.27
C ILE E 31 0.74 -14.42 26.64
N GLN E 32 0.72 -15.56 27.34
CA GLN E 32 0.32 -15.58 28.74
C GLN E 32 1.30 -14.84 29.64
N GLY E 33 2.45 -14.43 29.10
CA GLY E 33 3.33 -13.56 29.85
C GLY E 33 2.77 -12.17 30.02
N ILE E 34 1.82 -11.78 29.18
CA ILE E 34 1.11 -10.53 29.36
C ILE E 34 -0.02 -10.81 30.35
N THR E 35 0.29 -10.74 31.64
CA THR E 35 -0.59 -11.30 32.64
C THR E 35 -1.86 -10.48 32.79
N LYS E 36 -2.70 -10.89 33.73
CA LYS E 36 -3.92 -10.14 33.98
C LYS E 36 -3.64 -8.82 34.69
N PRO E 37 -2.85 -8.77 35.76
CA PRO E 37 -2.61 -7.47 36.39
C PRO E 37 -1.85 -6.49 35.53
N ALA E 38 -1.00 -6.95 34.62
CA ALA E 38 -0.34 -6.00 33.71
C ALA E 38 -1.33 -5.32 32.80
N ILE E 39 -2.33 -6.08 32.32
CA ILE E 39 -3.39 -5.46 31.55
C ILE E 39 -4.24 -4.57 32.42
N ARG E 40 -4.42 -4.92 33.69
CA ARG E 40 -5.15 -4.04 34.59
C ARG E 40 -4.42 -2.70 34.75
N ARG E 41 -3.09 -2.74 34.86
CA ARG E 41 -2.32 -1.51 34.95
C ARG E 41 -2.45 -0.70 33.68
N LEU E 42 -2.25 -1.34 32.52
CA LEU E 42 -2.42 -0.63 31.26
C LEU E 42 -3.81 -0.06 31.12
N ALA E 43 -4.79 -0.65 31.78
CA ALA E 43 -6.15 -0.13 31.70
C ALA E 43 -6.34 1.06 32.64
N ARG E 44 -5.77 0.98 33.83
CA ARG E 44 -5.85 2.11 34.75
C ARG E 44 -5.21 3.34 34.14
N ARG E 45 -3.98 3.20 33.64
CA ARG E 45 -3.33 4.36 33.02
C ARG E 45 -4.18 4.94 31.89
N GLY E 46 -4.95 4.10 31.21
CA GLY E 46 -5.87 4.62 30.22
C GLY E 46 -7.09 5.30 30.80
N GLY E 47 -7.37 5.09 32.08
CA GLY E 47 -8.49 5.74 32.72
C GLY E 47 -9.72 4.85 32.76
N VAL E 48 -9.54 3.58 33.07
CA VAL E 48 -10.62 2.60 33.11
C VAL E 48 -10.82 2.16 34.56
N LYS E 49 -12.05 2.32 35.03
CA LYS E 49 -12.32 2.07 36.44
C LYS E 49 -12.71 0.63 36.73
N ARG E 50 -13.33 -0.06 35.78
CA ARG E 50 -13.87 -1.38 36.06
C ARG E 50 -13.75 -2.23 34.82
N ILE E 51 -13.14 -3.41 34.96
CA ILE E 51 -12.81 -4.26 33.83
C ILE E 51 -13.61 -5.54 33.93
N SER E 52 -14.00 -6.10 32.78
CA SER E 52 -14.76 -7.34 32.73
C SER E 52 -13.85 -8.49 32.35
N GLY E 53 -14.06 -9.63 33.01
CA GLY E 53 -13.16 -10.77 32.91
C GLY E 53 -12.92 -11.28 31.50
N LEU E 54 -13.72 -10.86 30.54
CA LEU E 54 -13.52 -11.27 29.16
C LEU E 54 -12.64 -10.31 28.39
N ILE E 55 -12.09 -9.29 29.05
CA ILE E 55 -11.22 -8.35 28.36
C ILE E 55 -9.83 -8.93 28.21
N TYR E 56 -9.27 -9.47 29.31
CA TYR E 56 -7.90 -9.94 29.33
C TYR E 56 -7.55 -10.74 28.11
N GLU E 57 -8.24 -11.87 27.92
CA GLU E 57 -8.02 -12.69 26.73
C GLU E 57 -8.02 -11.83 25.48
N GLU E 58 -9.14 -11.14 25.23
CA GLU E 58 -9.26 -10.30 24.05
C GLU E 58 -8.06 -9.39 23.90
N THR E 59 -7.65 -8.72 24.99
CA THR E 59 -6.52 -7.81 24.91
C THR E 59 -5.29 -8.50 24.34
N ARG E 60 -4.92 -9.64 24.94
CA ARG E 60 -3.79 -10.39 24.41
C ARG E 60 -3.90 -10.49 22.90
N GLY E 61 -5.06 -10.97 22.43
CA GLY E 61 -5.33 -11.07 21.02
C GLY E 61 -4.88 -9.84 20.26
N VAL E 62 -5.49 -8.69 20.55
CA VAL E 62 -5.18 -7.52 19.74
C VAL E 62 -3.70 -7.17 19.84
N LEU E 63 -3.14 -7.27 21.05
CA LEU E 63 -1.73 -6.94 21.20
C LEU E 63 -0.89 -7.78 20.24
N LYS E 64 -1.15 -9.09 20.22
CA LYS E 64 -0.40 -9.97 19.34
C LYS E 64 -0.46 -9.46 17.91
N VAL E 65 -1.65 -9.13 17.43
CA VAL E 65 -1.80 -8.64 16.07
C VAL E 65 -0.85 -7.48 15.84
N PHE E 66 -0.88 -6.49 16.74
CA PHE E 66 -0.03 -5.32 16.58
C PHE E 66 1.42 -5.73 16.42
N LEU E 67 1.89 -6.62 17.28
CA LEU E 67 3.27 -7.05 17.19
C LEU E 67 3.52 -7.74 15.85
N GLU E 68 2.63 -8.66 15.46
CA GLU E 68 2.83 -9.34 14.20
C GLU E 68 2.78 -8.40 13.01
N ASN E 69 2.42 -7.14 13.21
CA ASN E 69 2.45 -6.17 12.13
C ASN E 69 3.67 -5.28 12.16
N VAL E 70 4.33 -5.16 13.32
CA VAL E 70 5.53 -4.34 13.40
C VAL E 70 6.78 -5.17 13.19
N ILE E 71 6.91 -6.27 13.92
CA ILE E 71 8.08 -7.12 13.79
C ILE E 71 8.25 -7.56 12.35
N ARG E 72 7.15 -7.95 11.69
CA ARG E 72 7.23 -8.36 10.29
C ARG E 72 7.93 -7.31 9.44
N ASP E 73 7.66 -6.03 9.68
CA ASP E 73 8.36 -5.01 8.91
C ASP E 73 9.77 -4.81 9.41
N ALA E 74 9.97 -4.85 10.73
CA ALA E 74 11.33 -4.72 11.25
C ALA E 74 12.24 -5.74 10.61
N VAL E 75 11.83 -7.02 10.65
CA VAL E 75 12.61 -8.07 10.00
C VAL E 75 12.84 -7.74 8.54
N THR E 76 11.81 -7.25 7.85
CA THR E 76 11.97 -6.95 6.43
C THR E 76 13.10 -5.95 6.20
N TYR E 77 13.27 -4.99 7.12
CA TYR E 77 14.40 -4.09 7.01
C TYR E 77 15.70 -4.82 7.29
N THR E 78 15.73 -5.60 8.37
CA THR E 78 16.95 -6.32 8.72
C THR E 78 17.36 -7.28 7.62
N GLU E 79 16.40 -7.94 6.99
CA GLU E 79 16.73 -8.84 5.89
C GLU E 79 17.20 -8.09 4.67
N HIS E 80 16.86 -6.81 4.53
CA HIS E 80 17.34 -6.08 3.36
C HIS E 80 18.80 -5.70 3.52
N ALA E 81 19.16 -5.13 4.64
CA ALA E 81 20.54 -4.72 4.85
C ALA E 81 21.47 -5.87 5.01
N LYS E 82 20.97 -7.10 4.86
CA LYS E 82 21.78 -8.31 5.00
C LYS E 82 22.45 -8.35 6.38
N ARG E 83 21.65 -8.10 7.41
CA ARG E 83 22.07 -8.22 8.79
C ARG E 83 21.33 -9.37 9.46
N LYS E 84 21.71 -9.63 10.71
CA LYS E 84 21.06 -10.64 11.51
C LYS E 84 20.54 -10.12 12.84
N THR E 85 20.90 -8.92 13.25
CA THR E 85 20.32 -8.29 14.42
C THR E 85 19.31 -7.25 13.96
N VAL E 86 18.28 -7.04 14.77
CA VAL E 86 17.25 -6.05 14.47
C VAL E 86 17.55 -4.83 15.31
N THR E 87 18.22 -3.84 14.70
CA THR E 87 18.60 -2.65 15.43
C THR E 87 17.39 -1.80 15.74
N ALA E 88 17.55 -0.89 16.71
CA ALA E 88 16.43 -0.04 17.10
C ALA E 88 15.93 0.79 15.94
N MET E 89 16.82 1.20 15.05
CA MET E 89 16.38 1.99 13.90
C MET E 89 15.44 1.21 13.01
N ASP E 90 15.58 -0.12 12.97
CA ASP E 90 14.65 -0.92 12.18
C ASP E 90 13.25 -0.85 12.76
N VAL E 91 13.12 -1.01 14.07
CA VAL E 91 11.82 -0.92 14.70
C VAL E 91 11.25 0.48 14.53
N VAL E 92 12.09 1.51 14.66
CA VAL E 92 11.60 2.88 14.52
C VAL E 92 11.10 3.13 13.10
N TYR E 93 11.82 2.61 12.11
CA TYR E 93 11.39 2.78 10.73
C TYR E 93 10.10 2.01 10.46
N ALA E 94 9.97 0.81 11.03
CA ALA E 94 8.73 0.06 10.86
C ALA E 94 7.55 0.82 11.44
N LEU E 95 7.70 1.29 12.68
CA LEU E 95 6.65 2.09 13.30
C LEU E 95 6.31 3.30 12.44
N LYS E 96 7.31 4.11 12.11
CA LYS E 96 7.05 5.30 11.31
C LYS E 96 6.35 4.95 10.00
N ARG E 97 6.70 3.82 9.41
CA ARG E 97 6.05 3.39 8.18
C ARG E 97 4.58 3.07 8.43
N GLN E 98 4.27 2.49 9.60
CA GLN E 98 2.88 2.20 9.91
C GLN E 98 2.08 3.44 10.29
N GLY E 99 2.73 4.48 10.77
CA GLY E 99 2.05 5.66 11.26
C GLY E 99 2.01 5.81 12.75
N ARG E 100 2.97 5.25 13.47
CA ARG E 100 3.06 5.33 14.92
C ARG E 100 4.41 5.88 15.33
N THR E 101 4.82 7.00 14.71
CA THR E 101 6.14 7.56 14.86
C THR E 101 6.58 7.55 16.32
N LEU E 102 7.84 7.23 16.54
CA LEU E 102 8.40 7.09 17.88
C LEU E 102 9.59 8.00 18.03
N TYR E 103 9.64 8.74 19.13
CA TYR E 103 10.74 9.65 19.42
C TYR E 103 11.52 9.13 20.62
N GLY E 104 12.82 8.96 20.46
CA GLY E 104 13.62 8.63 21.62
C GLY E 104 14.71 7.61 21.37
N PHE E 105 14.71 6.98 20.21
CA PHE E 105 15.69 5.96 19.90
C PHE E 105 16.49 6.24 18.64
N GLY E 106 16.13 7.26 17.87
CA GLY E 106 16.85 7.60 16.65
C GLY E 106 15.97 8.34 15.68
N GLY E 107 15.94 7.89 14.44
CA GLY E 107 15.08 8.50 13.43
C GLY E 107 15.65 9.79 12.89
N ARG F 27 -0.15 22.64 -29.50
CA ARG F 27 -0.65 22.02 -28.29
C ARG F 27 0.48 21.42 -27.48
N SER F 28 0.13 20.58 -26.52
CA SER F 28 1.11 19.85 -25.72
C SER F 28 0.60 18.43 -25.51
N ARG F 29 1.54 17.49 -25.50
CA ARG F 29 1.21 16.07 -25.40
C ARG F 29 1.45 15.58 -23.98
N LYS F 30 0.47 14.86 -23.44
CA LYS F 30 0.53 14.32 -22.09
C LYS F 30 0.80 12.82 -22.15
N GLU F 31 1.38 12.30 -21.08
CA GLU F 31 1.70 10.89 -20.96
C GLU F 31 0.72 10.23 -20.01
N SER F 32 0.34 8.99 -20.31
CA SER F 32 -0.59 8.26 -19.48
C SER F 32 -0.42 6.78 -19.76
N TYR F 33 -0.91 5.95 -18.82
CA TYR F 33 -0.88 4.51 -18.96
C TYR F 33 -2.12 3.96 -19.61
N SER F 34 -2.79 4.75 -20.45
CA SER F 34 -4.06 4.31 -21.01
C SER F 34 -3.88 3.13 -21.94
N ILE F 35 -2.97 3.24 -22.90
CA ILE F 35 -2.82 2.17 -23.89
C ILE F 35 -2.38 0.88 -23.22
N TYR F 36 -1.55 0.97 -22.19
CA TYR F 36 -1.04 -0.24 -21.56
C TYR F 36 -2.10 -0.90 -20.69
N VAL F 37 -2.88 -0.09 -19.97
CA VAL F 37 -4.01 -0.63 -19.23
C VAL F 37 -4.99 -1.31 -20.18
N TYR F 38 -5.23 -0.70 -21.33
CA TYR F 38 -6.14 -1.33 -22.28
C TYR F 38 -5.56 -2.63 -22.82
N LYS F 39 -4.24 -2.68 -23.03
CA LYS F 39 -3.62 -3.93 -23.45
C LYS F 39 -3.83 -5.02 -22.41
N VAL F 40 -3.55 -4.71 -21.15
CA VAL F 40 -3.74 -5.72 -20.10
C VAL F 40 -5.19 -6.15 -20.02
N LEU F 41 -6.12 -5.21 -20.19
CA LEU F 41 -7.54 -5.56 -20.18
C LEU F 41 -7.84 -6.56 -21.29
N LYS F 42 -7.57 -6.18 -22.54
CA LYS F 42 -7.79 -7.09 -23.66
C LYS F 42 -6.98 -8.38 -23.52
N GLN F 43 -6.04 -8.42 -22.60
CA GLN F 43 -5.34 -9.68 -22.35
C GLN F 43 -6.09 -10.57 -21.36
N VAL F 44 -6.73 -9.97 -20.35
CA VAL F 44 -7.40 -10.76 -19.32
C VAL F 44 -8.91 -10.80 -19.48
N HIS F 45 -9.46 -10.14 -20.50
CA HIS F 45 -10.90 -10.11 -20.71
C HIS F 45 -11.18 -9.72 -22.15
N PRO F 46 -10.98 -10.63 -23.10
CA PRO F 46 -10.86 -10.24 -24.51
C PRO F 46 -12.07 -9.50 -25.08
N ASP F 47 -13.18 -9.39 -24.35
CA ASP F 47 -14.37 -8.75 -24.90
C ASP F 47 -14.75 -7.46 -24.20
N THR F 48 -14.62 -7.39 -22.88
CA THR F 48 -15.06 -6.21 -22.16
C THR F 48 -14.15 -5.03 -22.45
N GLY F 49 -14.74 -3.92 -22.87
CA GLY F 49 -14.01 -2.68 -23.01
C GLY F 49 -13.83 -2.03 -21.65
N ILE F 50 -13.65 -0.71 -21.67
CA ILE F 50 -13.52 0.03 -20.42
C ILE F 50 -13.88 1.49 -20.66
N SER F 51 -14.70 2.06 -19.78
CA SER F 51 -15.15 3.43 -19.94
C SER F 51 -13.97 4.39 -19.80
N SER F 52 -14.23 5.66 -20.11
CA SER F 52 -13.16 6.65 -20.00
C SER F 52 -12.84 6.96 -18.55
N LYS F 53 -13.87 7.16 -17.73
CA LYS F 53 -13.64 7.49 -16.33
C LYS F 53 -12.93 6.35 -15.61
N ALA F 54 -13.24 5.11 -15.98
CA ALA F 54 -12.50 4.00 -15.41
C ALA F 54 -11.04 4.02 -15.84
N MET F 55 -10.77 4.48 -17.07
CA MET F 55 -9.39 4.62 -17.50
C MET F 55 -8.67 5.69 -16.69
N GLY F 56 -9.37 6.79 -16.39
CA GLY F 56 -8.78 7.78 -15.51
C GLY F 56 -8.48 7.24 -14.13
N ILE F 57 -9.39 6.44 -13.60
CA ILE F 57 -9.17 5.86 -12.28
C ILE F 57 -7.97 4.92 -12.31
N MET F 58 -7.81 4.18 -13.41
CA MET F 58 -6.68 3.26 -13.50
C MET F 58 -5.37 4.03 -13.66
N ASN F 59 -5.38 5.12 -14.43
CA ASN F 59 -4.21 5.99 -14.48
C ASN F 59 -3.81 6.46 -13.08
N SER F 60 -4.79 6.97 -12.33
CA SER F 60 -4.49 7.47 -10.99
C SER F 60 -3.97 6.36 -10.10
N PHE F 61 -4.54 5.16 -10.23
CA PHE F 61 -4.10 4.05 -9.39
C PHE F 61 -2.68 3.66 -9.70
N VAL F 62 -2.33 3.57 -10.99
CA VAL F 62 -0.97 3.21 -11.36
C VAL F 62 0.01 4.27 -10.87
N ASN F 63 -0.32 5.54 -11.05
CA ASN F 63 0.57 6.60 -10.58
C ASN F 63 0.75 6.54 -9.08
N ASP F 64 -0.33 6.25 -8.35
CA ASP F 64 -0.24 6.19 -6.89
C ASP F 64 0.67 5.05 -6.45
N ILE F 65 0.47 3.86 -7.02
CA ILE F 65 1.29 2.73 -6.60
C ILE F 65 2.74 2.96 -7.00
N PHE F 66 2.96 3.60 -8.15
CA PHE F 66 4.31 3.98 -8.53
C PHE F 66 4.93 4.86 -7.47
N GLU F 67 4.22 5.91 -7.07
CA GLU F 67 4.77 6.82 -6.08
C GLU F 67 5.09 6.10 -4.79
N ARG F 68 4.18 5.25 -4.34
CA ARG F 68 4.41 4.54 -3.08
C ARG F 68 5.64 3.65 -3.16
N ILE F 69 5.72 2.81 -4.19
CA ILE F 69 6.82 1.85 -4.27
C ILE F 69 8.14 2.58 -4.45
N ALA F 70 8.17 3.57 -5.33
CA ALA F 70 9.42 4.29 -5.56
C ALA F 70 9.86 5.04 -4.31
N GLY F 71 8.91 5.68 -3.61
CA GLY F 71 9.29 6.39 -2.40
C GLY F 71 9.84 5.46 -1.34
N GLU F 72 9.23 4.30 -1.17
CA GLU F 72 9.74 3.38 -0.16
C GLU F 72 11.11 2.83 -0.55
N ALA F 73 11.30 2.55 -1.83
CA ALA F 73 12.62 2.10 -2.26
C ALA F 73 13.67 3.18 -2.05
N SER F 74 13.29 4.44 -2.27
CA SER F 74 14.22 5.53 -2.05
C SER F 74 14.58 5.65 -0.58
N ARG F 75 13.59 5.52 0.31
CA ARG F 75 13.91 5.56 1.72
C ARG F 75 14.77 4.38 2.13
N LEU F 76 14.61 3.22 1.50
CA LEU F 76 15.52 2.10 1.77
C LEU F 76 16.93 2.43 1.35
N ALA F 77 17.09 2.91 0.12
CA ALA F 77 18.42 3.29 -0.35
C ALA F 77 19.06 4.31 0.58
N HIS F 78 18.26 5.24 1.09
CA HIS F 78 18.82 6.26 1.97
C HIS F 78 19.15 5.71 3.35
N TYR F 79 18.35 4.78 3.85
CA TYR F 79 18.65 4.21 5.16
C TYR F 79 19.92 3.38 5.12
N ASN F 80 20.08 2.55 4.08
CA ASN F 80 21.27 1.72 4.00
C ASN F 80 22.46 2.44 3.41
N LYS F 81 22.38 3.75 3.25
CA LYS F 81 23.45 4.61 2.75
C LYS F 81 23.89 4.25 1.35
N ARG F 82 23.17 3.36 0.66
CA ARG F 82 23.43 3.15 -0.75
C ARG F 82 23.06 4.41 -1.52
N SER F 83 23.35 4.39 -2.83
CA SER F 83 23.06 5.53 -3.67
C SER F 83 22.40 5.10 -4.98
N THR F 84 21.89 3.88 -5.05
CA THR F 84 21.27 3.41 -6.28
C THR F 84 20.08 2.52 -5.92
N ILE F 85 19.03 2.63 -6.71
CA ILE F 85 17.83 1.81 -6.56
C ILE F 85 18.01 0.60 -7.47
N THR F 86 18.50 -0.50 -6.91
CA THR F 86 18.63 -1.73 -7.67
C THR F 86 17.27 -2.42 -7.72
N SER F 87 17.25 -3.67 -8.15
CA SER F 87 16.01 -4.42 -8.16
C SER F 87 15.59 -4.78 -6.74
N ARG F 88 16.54 -5.25 -5.92
CA ARG F 88 16.18 -5.75 -4.60
C ARG F 88 15.56 -4.67 -3.73
N GLU F 89 15.90 -3.41 -3.95
CA GLU F 89 15.21 -2.35 -3.22
C GLU F 89 13.74 -2.29 -3.61
N ILE F 90 13.43 -2.41 -4.90
CA ILE F 90 12.04 -2.46 -5.31
C ILE F 90 11.36 -3.68 -4.73
N GLN F 91 12.08 -4.79 -4.64
CA GLN F 91 11.49 -6.00 -4.09
C GLN F 91 11.14 -5.82 -2.62
N THR F 92 12.05 -5.22 -1.85
CA THR F 92 11.75 -5.00 -0.44
C THR F 92 10.63 -3.98 -0.27
N ALA F 93 10.58 -2.98 -1.14
CA ALA F 93 9.46 -2.04 -1.07
C ALA F 93 8.14 -2.75 -1.34
N VAL F 94 8.13 -3.71 -2.26
CA VAL F 94 6.91 -4.44 -2.54
C VAL F 94 6.54 -5.36 -1.38
N ARG F 95 7.54 -5.95 -0.72
CA ARG F 95 7.25 -6.72 0.47
C ARG F 95 6.68 -5.85 1.58
N LEU F 96 7.07 -4.58 1.62
CA LEU F 96 6.59 -3.70 2.68
C LEU F 96 5.18 -3.21 2.41
N LEU F 97 4.93 -2.67 1.22
CA LEU F 97 3.65 -2.01 0.96
C LEU F 97 2.51 -3.01 0.84
N LEU F 98 2.60 -3.92 -0.10
CA LEU F 98 1.45 -4.76 -0.42
C LEU F 98 1.19 -5.76 0.70
N PRO F 99 -0.09 -6.05 0.99
CA PRO F 99 -0.40 -7.06 2.00
C PRO F 99 0.05 -8.44 1.53
N GLY F 100 0.01 -9.39 2.48
CA GLY F 100 0.69 -10.67 2.34
C GLY F 100 0.64 -11.37 1.00
N GLU F 101 -0.55 -11.73 0.54
CA GLU F 101 -0.61 -12.61 -0.63
C GLU F 101 -0.32 -11.84 -1.90
N LEU F 102 -0.85 -10.63 -2.03
CA LEU F 102 -0.44 -9.77 -3.12
C LEU F 102 1.07 -9.58 -3.12
N ALA F 103 1.66 -9.45 -1.93
CA ALA F 103 3.10 -9.29 -1.86
C ALA F 103 3.82 -10.48 -2.47
N LYS F 104 3.46 -11.69 -2.05
CA LYS F 104 4.13 -12.88 -2.57
CA LYS F 104 4.14 -12.87 -2.57
C LYS F 104 3.96 -12.99 -4.08
N HIS F 105 2.73 -12.80 -4.56
CA HIS F 105 2.49 -12.96 -5.98
C HIS F 105 3.25 -11.92 -6.80
N ALA F 106 3.23 -10.66 -6.37
CA ALA F 106 3.90 -9.62 -7.12
C ALA F 106 5.42 -9.80 -7.09
N VAL F 107 5.96 -10.23 -5.95
CA VAL F 107 7.39 -10.50 -5.87
C VAL F 107 7.79 -11.58 -6.85
N SER F 108 7.02 -12.67 -6.87
CA SER F 108 7.31 -13.74 -7.82
C SER F 108 7.24 -13.23 -9.26
N GLU F 109 6.20 -12.46 -9.58
CA GLU F 109 6.03 -11.96 -10.93
C GLU F 109 7.20 -11.06 -11.35
N GLY F 110 7.62 -10.17 -10.45
CA GLY F 110 8.71 -9.27 -10.78
C GLY F 110 10.03 -10.01 -10.94
N THR F 111 10.31 -10.94 -10.04
CA THR F 111 11.52 -11.74 -10.18
C THR F 111 11.53 -12.46 -11.52
N LYS F 112 10.38 -13.00 -11.92
CA LYS F 112 10.29 -13.68 -13.21
CA LYS F 112 10.29 -13.67 -13.20
C LYS F 112 10.59 -12.72 -14.35
N ALA F 113 10.00 -11.52 -14.31
CA ALA F 113 10.22 -10.57 -15.39
C ALA F 113 11.69 -10.18 -15.50
N VAL F 114 12.35 -9.95 -14.36
CA VAL F 114 13.76 -9.58 -14.41
C VAL F 114 14.60 -10.74 -14.92
N THR F 115 14.34 -11.95 -14.44
CA THR F 115 15.10 -13.10 -14.91
C THR F 115 14.95 -13.29 -16.41
N LYS F 116 13.75 -13.03 -16.94
CA LYS F 116 13.57 -13.16 -18.38
C LYS F 116 14.26 -12.03 -19.13
N TYR F 117 14.25 -10.82 -18.57
CA TYR F 117 14.85 -9.68 -19.25
C TYR F 117 16.36 -9.82 -19.34
N THR F 118 16.99 -10.26 -18.26
CA THR F 118 18.44 -10.43 -18.27
C THR F 118 18.89 -11.35 -19.39
N SER F 119 18.37 -12.57 -19.41
CA SER F 119 18.80 -13.58 -20.38
C SER F 119 17.82 -13.60 -21.54
N ALA I 9 -19.34 -43.65 -9.44
CA ALA I 9 -18.10 -44.29 -9.88
C ALA I 9 -16.96 -43.28 -9.94
N ILE I 10 -15.78 -43.76 -10.31
CA ILE I 10 -14.60 -42.90 -10.43
C ILE I 10 -13.89 -43.24 -11.74
N PRO I 11 -13.35 -42.26 -12.45
CA PRO I 11 -12.51 -42.57 -13.61
C PRO I 11 -11.35 -43.47 -13.22
N SER I 12 -10.83 -44.20 -14.20
CA SER I 12 -9.80 -45.18 -13.95
C SER I 12 -8.50 -44.50 -13.51
N LEU I 13 -7.50 -45.34 -13.19
CA LEU I 13 -6.20 -44.82 -12.82
C LEU I 13 -5.59 -43.98 -13.93
N SER I 14 -6.01 -44.21 -15.17
CA SER I 14 -5.49 -43.42 -16.29
C SER I 14 -5.87 -41.95 -16.15
N GLU I 15 -7.17 -41.67 -16.03
CA GLU I 15 -7.63 -40.29 -15.90
C GLU I 15 -7.40 -39.73 -14.50
N CYS I 16 -7.19 -40.59 -13.51
CA CYS I 16 -6.86 -40.14 -12.17
C CYS I 16 -5.49 -39.47 -12.10
N GLN I 17 -4.71 -39.53 -13.18
CA GLN I 17 -3.40 -38.90 -13.20
C GLN I 17 -3.54 -37.39 -13.40
N CYS I 18 -2.42 -36.69 -13.21
CA CYS I 18 -2.34 -35.27 -13.51
C CYS I 18 -2.21 -35.06 -15.01
N GLY I 19 -3.02 -34.16 -15.56
CA GLY I 19 -3.02 -33.94 -17.00
C GLY I 19 -1.80 -33.21 -17.52
N ILE I 20 -0.79 -33.02 -16.68
CA ILE I 20 0.42 -32.32 -17.08
C ILE I 20 1.61 -33.25 -16.98
N CYS I 21 1.90 -33.74 -15.78
CA CYS I 21 3.05 -34.60 -15.54
C CYS I 21 2.72 -36.09 -15.63
N MET I 22 1.50 -36.44 -16.06
CA MET I 22 1.11 -37.81 -16.28
C MET I 22 1.19 -38.67 -15.03
N GLU I 23 1.30 -38.04 -13.86
CA GLU I 23 1.38 -38.76 -12.60
C GLU I 23 0.12 -38.58 -11.78
N ILE I 24 0.00 -39.41 -10.74
CA ILE I 24 -1.21 -39.43 -9.93
C ILE I 24 -1.49 -38.05 -9.35
N LEU I 25 -2.79 -37.74 -9.19
CA LEU I 25 -3.22 -36.45 -8.64
C LEU I 25 -2.95 -36.45 -7.13
N VAL I 26 -1.67 -36.39 -6.77
CA VAL I 26 -1.28 -36.31 -5.37
C VAL I 26 -1.63 -34.92 -4.84
N GLU I 27 -2.51 -34.89 -3.83
CA GLU I 27 -3.05 -33.65 -3.27
C GLU I 27 -3.57 -32.76 -4.38
N PRO I 28 -4.66 -33.14 -5.05
CA PRO I 28 -5.11 -32.37 -6.21
C PRO I 28 -5.70 -31.02 -5.79
N VAL I 29 -5.88 -30.16 -6.78
CA VAL I 29 -6.51 -28.87 -6.60
C VAL I 29 -7.47 -28.64 -7.76
N THR I 30 -8.69 -28.23 -7.45
CA THR I 30 -9.73 -28.03 -8.46
C THR I 30 -9.84 -26.53 -8.74
N LEU I 31 -9.35 -26.12 -9.91
CA LEU I 31 -9.37 -24.73 -10.28
C LEU I 31 -10.79 -24.29 -10.62
N PRO I 32 -11.06 -22.99 -10.66
CA PRO I 32 -12.40 -22.52 -11.04
C PRO I 32 -12.83 -22.97 -12.43
N CYS I 33 -11.88 -23.26 -13.31
CA CYS I 33 -12.15 -23.77 -14.64
C CYS I 33 -12.39 -25.27 -14.67
N ASN I 34 -12.67 -25.87 -13.51
CA ASN I 34 -13.00 -27.29 -13.32
C ASN I 34 -11.82 -28.22 -13.56
N HIS I 35 -10.67 -27.70 -13.95
CA HIS I 35 -9.52 -28.55 -14.20
C HIS I 35 -8.91 -29.00 -12.88
N THR I 36 -7.92 -29.88 -12.98
CA THR I 36 -7.29 -30.45 -11.79
C THR I 36 -5.87 -30.86 -12.12
N LEU I 37 -4.96 -30.66 -11.17
CA LEU I 37 -3.58 -31.09 -11.32
C LEU I 37 -2.99 -31.24 -9.93
N CYS I 38 -1.94 -32.05 -9.82
CA CYS I 38 -1.36 -32.33 -8.52
C CYS I 38 -0.75 -31.07 -7.93
N LYS I 39 -0.67 -31.05 -6.60
CA LYS I 39 -0.19 -29.85 -5.91
C LYS I 39 1.20 -29.39 -6.34
N PRO I 40 2.20 -30.26 -6.53
CA PRO I 40 3.47 -29.75 -7.06
C PRO I 40 3.33 -29.15 -8.45
N CYS I 41 2.61 -29.83 -9.35
CA CYS I 41 2.36 -29.26 -10.67
C CYS I 41 1.66 -27.93 -10.57
N PHE I 42 0.67 -27.83 -9.66
CA PHE I 42 -0.02 -26.56 -9.46
C PHE I 42 0.96 -25.47 -9.04
N GLN I 43 1.65 -25.69 -7.92
CA GLN I 43 2.57 -24.66 -7.39
C GLN I 43 3.63 -24.27 -8.41
N SER I 44 4.02 -25.20 -9.29
CA SER I 44 4.95 -24.84 -10.35
C SER I 44 4.28 -23.98 -11.41
N THR I 45 3.10 -24.39 -11.86
CA THR I 45 2.38 -23.68 -12.92
C THR I 45 1.84 -22.34 -12.44
N VAL I 46 2.09 -21.99 -11.18
CA VAL I 46 1.71 -20.69 -10.64
C VAL I 46 2.92 -19.88 -10.22
N GLU I 47 3.95 -20.51 -9.67
CA GLU I 47 5.13 -19.79 -9.23
C GLU I 47 6.21 -19.70 -10.30
N LYS I 48 6.06 -20.40 -11.42
CA LYS I 48 7.00 -20.30 -12.53
C LYS I 48 6.28 -20.18 -13.85
N ALA I 49 5.01 -19.77 -13.83
CA ALA I 49 4.24 -19.58 -15.04
C ALA I 49 3.40 -18.32 -14.89
N SER I 50 2.44 -18.13 -15.79
CA SER I 50 1.69 -16.89 -15.91
C SER I 50 0.38 -16.90 -15.13
N LEU I 51 0.31 -17.64 -14.03
CA LEU I 51 -0.86 -17.69 -13.14
C LEU I 51 -2.12 -18.14 -13.86
N CYS I 52 -2.01 -18.67 -15.06
CA CYS I 52 -3.15 -19.06 -15.87
C CYS I 52 -3.39 -20.56 -15.75
N CYS I 53 -4.53 -21.00 -16.26
CA CYS I 53 -4.81 -22.42 -16.31
C CYS I 53 -3.89 -23.10 -17.31
N PRO I 54 -3.29 -24.25 -16.97
CA PRO I 54 -2.54 -25.01 -17.97
C PRO I 54 -3.43 -25.72 -18.98
N PHE I 55 -4.73 -25.85 -18.69
CA PHE I 55 -5.63 -26.54 -19.61
C PHE I 55 -6.28 -25.59 -20.61
N CYS I 56 -7.04 -24.61 -20.11
CA CYS I 56 -7.81 -23.72 -20.97
C CYS I 56 -7.30 -22.29 -20.96
N ARG I 57 -6.11 -22.04 -20.37
CA ARG I 57 -5.50 -20.72 -20.34
C ARG I 57 -6.45 -19.71 -19.67
N ARG I 58 -6.69 -19.94 -18.39
CA ARG I 58 -7.58 -19.09 -17.59
C ARG I 58 -6.83 -18.64 -16.34
N ARG I 59 -6.77 -17.33 -16.13
CA ARG I 59 -6.08 -16.79 -14.97
C ARG I 59 -6.85 -17.09 -13.70
N VAL I 60 -6.12 -17.54 -12.67
CA VAL I 60 -6.73 -17.90 -11.40
C VAL I 60 -6.04 -17.18 -10.27
N SER I 61 -5.39 -16.05 -10.59
CA SER I 61 -4.61 -15.33 -9.60
C SER I 61 -5.45 -14.96 -8.39
N SER I 62 -6.54 -14.23 -8.60
CA SER I 62 -7.38 -13.81 -7.49
C SER I 62 -7.93 -15.00 -6.72
N TRP I 63 -8.42 -16.01 -7.45
CA TRP I 63 -8.92 -17.22 -6.79
C TRP I 63 -7.80 -17.88 -5.99
N THR I 64 -6.59 -17.93 -6.56
CA THR I 64 -5.47 -18.53 -5.85
C THR I 64 -5.22 -17.82 -4.53
N ARG I 65 -5.16 -16.49 -4.56
CA ARG I 65 -4.95 -15.74 -3.33
C ARG I 65 -6.07 -16.00 -2.34
N TYR I 66 -7.31 -15.89 -2.81
CA TYR I 66 -8.47 -16.04 -1.92
C TYR I 66 -8.50 -17.39 -1.25
N HIS I 67 -8.02 -18.44 -1.92
CA HIS I 67 -8.10 -19.76 -1.32
C HIS I 67 -6.86 -20.14 -0.53
N THR I 68 -5.67 -19.73 -0.95
CA THR I 68 -4.50 -20.00 -0.11
C THR I 68 -4.52 -19.15 1.16
N ARG I 69 -5.26 -18.05 1.15
CA ARG I 69 -5.43 -17.28 2.37
C ARG I 69 -6.12 -18.10 3.45
N ARG I 70 -7.00 -19.01 3.05
CA ARG I 70 -7.72 -19.88 3.97
C ARG I 70 -7.14 -21.28 4.03
N ASN I 71 -6.07 -21.56 3.27
CA ASN I 71 -5.50 -22.90 3.15
C ASN I 71 -6.55 -23.89 2.67
N SER I 72 -7.44 -23.43 1.79
CA SER I 72 -8.47 -24.27 1.19
C SER I 72 -8.17 -24.55 -0.28
N LEU I 73 -6.88 -24.68 -0.60
CA LEU I 73 -6.49 -24.93 -1.99
C LEU I 73 -6.72 -26.38 -2.38
N VAL I 74 -6.28 -27.32 -1.55
CA VAL I 74 -6.41 -28.73 -1.86
C VAL I 74 -7.88 -29.13 -1.78
N ASN I 75 -8.31 -29.97 -2.71
CA ASN I 75 -9.69 -30.43 -2.76
C ASN I 75 -9.77 -31.72 -1.93
N VAL I 76 -10.36 -31.61 -0.74
CA VAL I 76 -10.25 -32.67 0.25
C VAL I 76 -11.03 -33.91 -0.17
N GLU I 77 -12.21 -33.73 -0.77
CA GLU I 77 -13.09 -34.87 -0.99
C GLU I 77 -12.61 -35.72 -2.17
N LEU I 78 -12.19 -35.08 -3.27
CA LEU I 78 -11.54 -35.84 -4.33
C LEU I 78 -10.30 -36.55 -3.81
N TRP I 79 -9.52 -35.89 -2.95
CA TRP I 79 -8.32 -36.51 -2.42
C TRP I 79 -8.65 -37.72 -1.56
N THR I 80 -9.77 -37.65 -0.84
CA THR I 80 -10.21 -38.82 -0.07
CA THR I 80 -10.22 -38.81 -0.06
C THR I 80 -10.61 -39.96 -0.99
N ILE I 81 -11.29 -39.64 -2.09
CA ILE I 81 -11.63 -40.69 -3.05
C ILE I 81 -10.36 -41.32 -3.62
N ILE I 82 -9.34 -40.51 -3.90
CA ILE I 82 -8.09 -41.06 -4.42
C ILE I 82 -7.39 -41.91 -3.37
N GLN I 83 -7.43 -41.50 -2.11
CA GLN I 83 -6.74 -42.27 -1.09
C GLN I 83 -7.49 -43.53 -0.68
N LYS I 84 -8.79 -43.61 -0.96
CA LYS I 84 -9.54 -44.83 -0.68
C LYS I 84 -9.65 -45.76 -1.88
N HIS I 85 -9.51 -45.23 -3.10
CA HIS I 85 -9.61 -46.03 -4.30
C HIS I 85 -8.23 -46.45 -4.82
N TYR I 86 -7.25 -45.56 -4.75
CA TYR I 86 -5.89 -45.85 -5.20
C TYR I 86 -4.91 -45.34 -4.16
N PRO I 87 -4.83 -46.00 -3.00
CA PRO I 87 -3.93 -45.53 -1.94
C PRO I 87 -2.47 -45.87 -2.21
N ARG I 88 -2.23 -47.03 -2.83
CA ARG I 88 -0.86 -47.47 -3.06
C ARG I 88 -0.16 -46.60 -4.07
N GLU I 89 -0.89 -46.09 -5.07
CA GLU I 89 -0.29 -45.14 -6.01
C GLU I 89 0.13 -43.86 -5.29
N CYS I 90 -0.71 -43.37 -4.38
CA CYS I 90 -0.37 -42.18 -3.63
C CYS I 90 0.82 -42.42 -2.70
N LYS I 91 0.93 -43.63 -2.15
CA LYS I 91 2.04 -43.94 -1.25
C LYS I 91 3.34 -44.10 -2.01
N LEU I 92 3.31 -44.75 -3.19
CA LEU I 92 4.52 -44.85 -3.99
C LEU I 92 4.91 -43.51 -4.59
N ARG I 93 3.93 -42.64 -4.81
CA ARG I 93 4.19 -41.26 -5.19
C ARG I 93 4.68 -40.41 -4.02
N ALA I 94 4.40 -40.84 -2.78
CA ALA I 94 4.79 -40.07 -1.60
C ALA I 94 6.30 -39.99 -1.44
N SER I 95 7.04 -40.96 -1.99
CA SER I 95 8.50 -40.94 -1.93
C SER I 95 9.02 -40.46 -3.28
N GLY I 96 9.02 -39.14 -3.45
CA GLY I 96 9.48 -38.53 -4.68
C GLY I 96 8.36 -38.01 -5.56
N GLY J 1 12.95 -34.26 -10.75
CA GLY J 1 12.48 -35.64 -10.64
C GLY J 1 11.36 -35.96 -11.59
N SER J 2 10.59 -34.94 -11.96
CA SER J 2 9.49 -35.11 -12.90
C SER J 2 9.92 -34.93 -14.35
N ALA J 3 11.08 -34.31 -14.59
CA ALA J 3 11.53 -34.08 -15.95
C ALA J 3 11.79 -35.41 -16.67
N LEU J 4 12.30 -36.40 -15.94
CA LEU J 4 12.57 -37.70 -16.55
C LEU J 4 11.27 -38.33 -17.06
N LYS J 5 10.22 -38.32 -16.24
CA LYS J 5 8.94 -38.88 -16.67
C LYS J 5 8.31 -38.04 -17.77
N ARG J 6 8.51 -36.72 -17.73
CA ARG J 6 7.96 -35.87 -18.79
C ARG J 6 8.60 -36.18 -20.13
N ILE J 7 9.93 -36.30 -20.16
CA ILE J 7 10.61 -36.65 -21.40
C ILE J 7 10.28 -38.07 -21.82
N ASN J 8 10.06 -38.97 -20.86
CA ASN J 8 9.62 -40.32 -21.20
C ASN J 8 8.27 -40.28 -21.91
N LYS J 9 7.33 -39.52 -21.36
CA LYS J 9 6.04 -39.36 -22.01
C LYS J 9 6.19 -38.76 -23.40
N GLU J 10 7.09 -37.80 -23.55
CA GLU J 10 7.25 -37.14 -24.85
C GLU J 10 7.85 -38.09 -25.89
N LEU J 11 8.86 -38.87 -25.49
CA LEU J 11 9.44 -39.82 -26.43
C LEU J 11 8.45 -40.92 -26.78
N SER J 12 7.64 -41.37 -25.81
CA SER J 12 6.59 -42.33 -26.14
C SER J 12 5.55 -41.73 -27.06
N ASP J 13 5.28 -40.43 -26.92
CA ASP J 13 4.35 -39.77 -27.84
C ASP J 13 4.90 -39.74 -29.25
N LEU J 14 6.15 -39.30 -29.41
CA LEU J 14 6.75 -39.29 -30.75
C LEU J 14 6.88 -40.68 -31.32
N ALA J 15 6.97 -41.70 -30.47
CA ALA J 15 6.97 -43.08 -30.95
C ALA J 15 5.60 -43.48 -31.48
N ARG J 16 4.57 -43.40 -30.63
CA ARG J 16 3.24 -43.83 -31.01
C ARG J 16 2.56 -42.87 -31.97
N ASP J 17 2.96 -41.59 -31.98
CA ASP J 17 2.34 -40.58 -32.84
C ASP J 17 3.43 -39.70 -33.45
N PRO J 18 3.77 -39.91 -34.71
CA PRO J 18 4.74 -39.02 -35.37
C PRO J 18 4.09 -37.68 -35.67
N PRO J 19 4.82 -36.58 -35.46
CA PRO J 19 4.25 -35.26 -35.75
C PRO J 19 3.90 -35.13 -37.23
N ALA J 20 2.98 -34.21 -37.51
CA ALA J 20 2.50 -33.99 -38.87
C ALA J 20 3.64 -33.47 -39.74
N GLN J 21 4.05 -34.28 -40.71
CA GLN J 21 5.11 -33.93 -41.65
C GLN J 21 6.41 -33.59 -40.92
N CYS J 22 6.76 -34.41 -39.93
CA CYS J 22 7.90 -34.13 -39.07
C CYS J 22 8.31 -35.41 -38.36
N SER J 23 9.48 -35.35 -37.72
CA SER J 23 9.94 -36.44 -36.86
C SER J 23 10.96 -35.88 -35.89
N ALA J 24 11.23 -36.63 -34.83
CA ALA J 24 12.13 -36.16 -33.78
C ALA J 24 12.77 -37.34 -33.09
N GLY J 25 13.69 -37.03 -32.18
CA GLY J 25 14.35 -38.05 -31.40
C GLY J 25 15.47 -37.49 -30.56
N PRO J 26 15.99 -38.31 -29.63
CA PRO J 26 17.20 -37.91 -28.88
C PRO J 26 18.44 -38.07 -29.73
N VAL J 27 19.13 -36.97 -29.99
CA VAL J 27 20.37 -37.04 -30.77
C VAL J 27 21.41 -37.88 -30.05
N GLY J 28 21.45 -37.82 -28.72
CA GLY J 28 22.36 -38.63 -27.94
C GLY J 28 21.61 -39.51 -26.96
N ASP J 29 22.36 -40.18 -26.07
CA ASP J 29 21.71 -40.98 -25.03
C ASP J 29 20.96 -40.10 -24.04
N ASP J 30 21.39 -38.85 -23.87
CA ASP J 30 20.75 -37.96 -22.91
C ASP J 30 19.43 -37.45 -23.48
N MET J 31 18.43 -37.37 -22.61
CA MET J 31 17.07 -37.03 -23.00
C MET J 31 16.85 -35.54 -23.22
N PHE J 32 17.71 -34.69 -22.66
CA PHE J 32 17.53 -33.25 -22.73
C PHE J 32 18.14 -32.62 -23.98
N HIS J 33 18.89 -33.38 -24.76
CA HIS J 33 19.49 -32.89 -25.99
C HIS J 33 18.92 -33.70 -27.14
N TRP J 34 18.15 -33.05 -28.02
CA TRP J 34 17.39 -33.75 -29.03
C TRP J 34 17.63 -33.16 -30.41
N GLN J 35 17.35 -33.96 -31.43
CA GLN J 35 17.35 -33.52 -32.81
C GLN J 35 16.02 -33.86 -33.44
N ALA J 36 15.52 -32.95 -34.28
CA ALA J 36 14.29 -33.17 -35.00
C ALA J 36 14.50 -32.80 -36.47
N THR J 37 13.63 -33.34 -37.32
CA THR J 37 13.66 -33.11 -38.76
C THR J 37 12.27 -32.71 -39.21
N ILE J 38 12.18 -31.55 -39.88
CA ILE J 38 10.92 -31.01 -40.37
C ILE J 38 10.94 -31.05 -41.90
N MET J 39 9.81 -31.47 -42.48
CA MET J 39 9.62 -31.45 -43.92
C MET J 39 8.96 -30.14 -44.33
N GLY J 40 9.34 -29.63 -45.49
CA GLY J 40 8.81 -28.40 -46.01
C GLY J 40 7.34 -28.51 -46.38
N PRO J 41 6.49 -27.74 -45.69
CA PRO J 41 5.06 -27.77 -46.00
C PRO J 41 4.77 -27.14 -47.36
N ASN J 42 3.63 -27.53 -47.92
CA ASN J 42 3.23 -27.00 -49.23
C ASN J 42 2.90 -25.52 -49.14
N ASP J 43 2.08 -25.14 -48.16
CA ASP J 43 1.72 -23.73 -48.00
C ASP J 43 2.80 -22.98 -47.23
N SER J 44 4.04 -23.09 -47.74
CA SER J 44 5.20 -22.41 -47.18
C SER J 44 6.20 -22.24 -48.30
N PRO J 45 6.91 -21.12 -48.38
CA PRO J 45 7.83 -20.91 -49.51
C PRO J 45 9.02 -21.86 -49.53
N TYR J 46 9.03 -22.83 -48.62
CA TYR J 46 10.12 -23.80 -48.49
C TYR J 46 9.63 -25.21 -48.82
N GLN J 47 8.87 -25.35 -49.91
CA GLN J 47 8.28 -26.63 -50.27
C GLN J 47 9.36 -27.67 -50.52
N GLY J 48 9.08 -28.91 -50.10
CA GLY J 48 9.96 -30.04 -50.35
C GLY J 48 11.20 -30.12 -49.50
N GLY J 49 11.60 -29.03 -48.84
CA GLY J 49 12.85 -29.03 -48.11
C GLY J 49 12.74 -29.72 -46.76
N VAL J 50 13.87 -30.25 -46.31
CA VAL J 50 13.99 -30.90 -45.01
C VAL J 50 15.02 -30.14 -44.19
N PHE J 51 14.70 -29.88 -42.93
CA PHE J 51 15.56 -29.08 -42.07
C PHE J 51 15.72 -29.78 -40.73
N PHE J 52 16.96 -29.88 -40.25
CA PHE J 52 17.25 -30.43 -38.94
C PHE J 52 17.36 -29.31 -37.92
N LEU J 53 16.88 -29.58 -36.71
CA LEU J 53 16.81 -28.57 -35.65
C LEU J 53 17.15 -29.20 -34.32
N THR J 54 17.84 -28.44 -33.46
CA THR J 54 18.32 -28.92 -32.19
C THR J 54 17.41 -28.43 -31.06
N ILE J 55 17.16 -29.30 -30.09
CA ILE J 55 16.25 -29.03 -28.98
C ILE J 55 17.03 -29.20 -27.68
N HIS J 56 16.87 -28.24 -26.77
CA HIS J 56 17.53 -28.26 -25.47
C HIS J 56 16.45 -28.16 -24.41
N PHE J 57 16.18 -29.28 -23.74
CA PHE J 57 15.19 -29.26 -22.68
C PHE J 57 15.79 -28.62 -21.42
N PRO J 58 15.03 -27.77 -20.74
CA PRO J 58 15.56 -27.04 -19.59
C PRO J 58 15.65 -27.94 -18.36
N THR J 59 16.01 -27.32 -17.24
CA THR J 59 16.10 -28.06 -15.98
C THR J 59 14.73 -28.21 -15.33
N ASP J 60 13.84 -27.23 -15.50
CA ASP J 60 12.52 -27.23 -14.88
C ASP J 60 11.44 -27.47 -15.93
N TYR J 61 11.73 -28.35 -16.89
CA TYR J 61 10.70 -28.78 -17.82
C TYR J 61 9.61 -29.52 -17.06
N PRO J 62 8.33 -29.36 -17.43
CA PRO J 62 7.83 -28.56 -18.56
C PRO J 62 7.63 -27.08 -18.25
N PHE J 63 7.55 -26.74 -16.95
CA PHE J 63 7.25 -25.37 -16.55
C PHE J 63 8.25 -24.36 -17.08
N LYS J 64 9.40 -24.81 -17.57
CA LYS J 64 10.28 -23.98 -18.37
C LYS J 64 10.30 -24.49 -19.81
N PRO J 65 10.33 -23.60 -20.79
CA PRO J 65 10.27 -24.04 -22.20
C PRO J 65 11.61 -24.58 -22.67
N PRO J 66 11.59 -25.54 -23.60
CA PRO J 66 12.85 -26.04 -24.17
C PRO J 66 13.30 -25.25 -25.39
N LYS J 67 14.54 -24.78 -25.38
CA LYS J 67 15.02 -23.91 -26.43
C LYS J 67 15.28 -24.72 -27.70
N VAL J 68 14.60 -24.38 -28.78
CA VAL J 68 14.80 -25.03 -30.06
C VAL J 68 15.44 -24.03 -31.01
N ALA J 69 16.28 -24.54 -31.91
CA ALA J 69 17.00 -23.68 -32.83
C ALA J 69 17.38 -24.47 -34.08
N PHE J 70 17.19 -23.86 -35.24
CA PHE J 70 17.49 -24.54 -36.49
C PHE J 70 19.00 -24.57 -36.72
N THR J 71 19.56 -25.77 -36.81
CA THR J 71 20.98 -25.93 -37.04
C THR J 71 21.35 -25.68 -38.50
N THR J 72 20.51 -26.12 -39.43
CA THR J 72 20.73 -25.80 -40.83
C THR J 72 20.53 -24.31 -41.07
N ARG J 73 21.38 -23.74 -41.92
CA ARG J 73 21.30 -22.31 -42.21
C ARG J 73 20.08 -22.03 -43.07
N ILE J 74 19.16 -21.21 -42.54
CA ILE J 74 17.94 -20.85 -43.24
C ILE J 74 17.85 -19.33 -43.28
N TYR J 75 17.45 -18.81 -44.44
CA TYR J 75 17.30 -17.37 -44.66
C TYR J 75 15.84 -17.01 -44.42
N HIS J 76 15.48 -16.98 -43.14
CA HIS J 76 14.11 -16.83 -42.68
C HIS J 76 13.95 -15.55 -41.87
N PRO J 77 12.78 -14.92 -41.91
CA PRO J 77 12.56 -13.72 -41.08
C PRO J 77 12.58 -14.01 -39.59
N ASN J 78 12.28 -15.23 -39.17
CA ASN J 78 12.29 -15.62 -37.77
C ASN J 78 13.50 -16.46 -37.39
N ILE J 79 14.40 -16.73 -38.32
CA ILE J 79 15.62 -17.49 -38.05
C ILE J 79 16.81 -16.55 -38.19
N ASN J 80 17.55 -16.38 -37.10
CA ASN J 80 18.74 -15.53 -37.10
C ASN J 80 19.92 -16.32 -37.67
N SER J 81 21.14 -15.80 -37.45
CA SER J 81 22.33 -16.41 -38.02
C SER J 81 22.48 -17.86 -37.59
N ASN J 82 22.60 -18.10 -36.28
CA ASN J 82 22.81 -19.47 -35.80
C ASN J 82 21.57 -20.34 -36.01
N GLY J 83 20.38 -19.74 -35.94
CA GLY J 83 19.16 -20.47 -36.21
C GLY J 83 18.15 -20.45 -35.08
N SER J 84 18.25 -19.45 -34.20
CA SER J 84 17.27 -19.33 -33.13
C SER J 84 15.93 -18.89 -33.70
N ILE J 85 14.86 -19.16 -32.93
CA ILE J 85 13.50 -18.93 -33.37
C ILE J 85 12.81 -18.03 -32.36
N CYS J 86 11.93 -17.17 -32.85
CA CYS J 86 11.15 -16.25 -32.02
C CYS J 86 9.70 -16.72 -32.02
N LEU J 87 9.30 -17.41 -30.94
CA LEU J 87 7.95 -17.94 -30.80
C LEU J 87 7.46 -17.63 -29.40
N ASP J 88 6.23 -17.11 -29.29
CA ASP J 88 5.73 -16.60 -28.02
C ASP J 88 5.46 -17.70 -27.00
N ILE J 89 5.03 -18.88 -27.47
CA ILE J 89 4.77 -20.01 -26.58
C ILE J 89 6.10 -20.70 -26.30
N LEU J 90 7.20 -20.08 -26.72
CA LEU J 90 8.53 -20.55 -26.38
C LEU J 90 9.23 -19.64 -25.38
N ARG J 91 8.73 -18.43 -25.16
CA ARG J 91 9.32 -17.49 -24.23
C ARG J 91 8.42 -17.21 -23.02
N SER J 92 7.20 -16.76 -23.26
CA SER J 92 6.30 -16.39 -22.17
C SER J 92 4.95 -17.11 -22.24
N GLN J 93 4.41 -17.30 -23.44
CA GLN J 93 3.13 -17.99 -23.57
C GLN J 93 3.24 -19.49 -23.38
N TRP J 94 4.43 -20.00 -23.03
CA TRP J 94 4.66 -21.43 -22.85
C TRP J 94 3.80 -21.98 -21.73
N SER J 95 2.82 -22.81 -22.07
CA SER J 95 2.04 -23.52 -21.07
C SER J 95 2.64 -24.90 -20.86
N PRO J 96 3.01 -25.27 -19.63
CA PRO J 96 3.70 -26.54 -19.43
C PRO J 96 2.87 -27.77 -19.76
N ALA J 97 1.57 -27.62 -20.00
CA ALA J 97 0.76 -28.76 -20.41
C ALA J 97 1.02 -29.16 -21.85
N LEU J 98 1.71 -28.31 -22.62
CA LEU J 98 1.99 -28.62 -24.01
C LEU J 98 2.98 -29.77 -24.13
N THR J 99 2.86 -30.52 -25.22
CA THR J 99 3.77 -31.61 -25.53
C THR J 99 4.76 -31.14 -26.58
N ILE J 100 5.59 -32.08 -27.05
CA ILE J 100 6.43 -31.79 -28.21
C ILE J 100 5.56 -31.52 -29.43
N SER J 101 4.60 -32.41 -29.69
CA SER J 101 3.82 -32.35 -30.93
C SER J 101 3.19 -30.97 -31.14
N LYS J 102 2.74 -30.32 -30.06
CA LYS J 102 2.08 -29.04 -30.22
C LYS J 102 3.07 -27.95 -30.58
N VAL J 103 4.26 -27.94 -29.98
CA VAL J 103 5.23 -26.92 -30.34
C VAL J 103 5.76 -27.19 -31.75
N LEU J 104 5.88 -28.45 -32.15
CA LEU J 104 6.28 -28.76 -33.51
C LEU J 104 5.24 -28.27 -34.52
N LEU J 105 3.95 -28.51 -34.25
CA LEU J 105 2.92 -28.01 -35.15
C LEU J 105 2.87 -26.49 -35.17
N SER J 106 3.19 -25.84 -34.04
CA SER J 106 3.23 -24.38 -34.05
C SER J 106 4.39 -23.86 -34.90
N ILE J 107 5.56 -24.47 -34.78
CA ILE J 107 6.67 -24.01 -35.62
C ILE J 107 6.40 -24.35 -37.09
N CYS J 108 5.67 -25.43 -37.37
CA CYS J 108 5.21 -25.67 -38.73
C CYS J 108 4.35 -24.52 -39.22
N SER J 109 3.35 -24.13 -38.43
CA SER J 109 2.46 -23.04 -38.82
C SER J 109 3.25 -21.76 -39.04
N LEU J 110 4.29 -21.52 -38.24
CA LEU J 110 5.12 -20.34 -38.48
C LEU J 110 5.90 -20.47 -39.79
N LEU J 111 6.39 -21.68 -40.10
CA LEU J 111 7.04 -21.89 -41.38
C LEU J 111 6.06 -21.64 -42.53
N CYS J 112 4.78 -21.92 -42.33
CA CYS J 112 3.79 -21.62 -43.36
C CYS J 112 3.70 -20.13 -43.64
N ASP J 113 3.83 -19.30 -42.61
CA ASP J 113 3.80 -17.86 -42.80
C ASP J 113 4.70 -17.18 -41.78
N PRO J 114 5.86 -16.67 -42.19
CA PRO J 114 6.76 -16.01 -41.24
C PRO J 114 6.09 -14.82 -40.58
N ASN J 115 6.46 -14.58 -39.32
CA ASN J 115 5.89 -13.51 -38.50
C ASN J 115 6.94 -12.43 -38.29
N PRO J 116 6.99 -11.41 -39.15
CA PRO J 116 8.01 -10.38 -39.01
C PRO J 116 7.61 -9.28 -38.04
N ASP J 117 6.61 -9.54 -37.20
CA ASP J 117 6.20 -8.56 -36.20
C ASP J 117 7.36 -8.20 -35.29
N ASP J 118 7.95 -9.20 -34.63
CA ASP J 118 9.15 -9.04 -33.82
C ASP J 118 10.26 -9.90 -34.42
N PRO J 119 10.83 -9.47 -35.54
CA PRO J 119 11.74 -10.34 -36.28
C PRO J 119 13.14 -10.36 -35.69
N LEU J 120 13.90 -11.39 -36.08
CA LEU J 120 15.30 -11.51 -35.68
C LEU J 120 16.23 -10.89 -36.70
N VAL J 121 16.00 -11.13 -37.98
CA VAL J 121 16.80 -10.58 -39.06
C VAL J 121 15.93 -9.57 -39.80
N PRO J 122 16.29 -8.28 -39.81
CA PRO J 122 15.35 -7.28 -40.33
C PRO J 122 15.19 -7.30 -41.85
N GLU J 123 16.28 -7.45 -42.60
CA GLU J 123 16.18 -7.25 -44.04
C GLU J 123 15.39 -8.36 -44.72
N ILE J 124 15.51 -9.61 -44.24
CA ILE J 124 14.70 -10.68 -44.82
C ILE J 124 13.22 -10.45 -44.51
N ALA J 125 12.92 -9.94 -43.31
CA ALA J 125 11.54 -9.62 -42.99
C ALA J 125 11.00 -8.52 -43.89
N ARG J 126 11.80 -7.48 -44.14
CA ARG J 126 11.34 -6.37 -44.95
C ARG J 126 11.22 -6.75 -46.43
N ILE J 127 12.07 -7.67 -46.91
CA ILE J 127 11.91 -8.12 -48.29
C ILE J 127 10.79 -9.12 -48.41
N TYR J 128 10.43 -9.81 -47.32
CA TYR J 128 9.25 -10.66 -47.33
C TYR J 128 7.97 -9.84 -47.37
N LYS J 129 7.91 -8.75 -46.60
CA LYS J 129 6.72 -7.91 -46.59
C LYS J 129 6.72 -6.82 -47.65
N THR J 130 7.82 -6.62 -48.37
CA THR J 130 7.88 -5.63 -49.44
C THR J 130 7.62 -6.24 -50.82
N ASP J 131 8.43 -7.20 -51.23
CA ASP J 131 8.30 -7.85 -52.54
C ASP J 131 8.41 -9.36 -52.33
N ARG J 132 7.27 -10.05 -52.44
CA ARG J 132 7.19 -11.46 -52.09
C ARG J 132 7.82 -12.37 -53.14
N ASP J 133 7.95 -11.91 -54.39
CA ASP J 133 8.50 -12.76 -55.43
C ASP J 133 9.98 -13.03 -55.20
N LYS J 134 10.76 -11.98 -54.95
CA LYS J 134 12.16 -12.18 -54.61
C LYS J 134 12.29 -13.01 -53.34
N TYR J 135 11.36 -12.82 -52.39
CA TYR J 135 11.41 -13.56 -51.14
C TYR J 135 11.25 -15.06 -51.37
N ASN J 136 10.14 -15.49 -51.99
CA ASN J 136 9.97 -16.92 -52.17
C ASN J 136 10.97 -17.47 -53.17
N ARG J 137 11.49 -16.65 -54.08
CA ARG J 137 12.60 -17.08 -54.92
C ARG J 137 13.81 -17.47 -54.08
N ILE J 138 14.26 -16.56 -53.21
CA ILE J 138 15.47 -16.85 -52.44
C ILE J 138 15.21 -17.97 -51.43
N SER J 139 13.99 -18.05 -50.88
CA SER J 139 13.71 -19.11 -49.92
C SER J 139 13.65 -20.47 -50.60
N ARG J 140 13.07 -20.54 -51.81
CA ARG J 140 13.06 -21.80 -52.54
C ARG J 140 14.47 -22.19 -52.95
N GLU J 141 15.28 -21.22 -53.38
CA GLU J 141 16.67 -21.52 -53.70
C GLU J 141 17.42 -22.06 -52.48
N TRP J 142 17.17 -21.46 -51.31
CA TRP J 142 17.81 -21.95 -50.08
C TRP J 142 17.34 -23.36 -49.74
N THR J 143 16.04 -23.60 -49.78
CA THR J 143 15.52 -24.91 -49.42
C THR J 143 15.77 -25.97 -50.48
N GLN J 144 16.29 -25.58 -51.65
CA GLN J 144 16.77 -26.58 -52.60
C GLN J 144 18.28 -26.80 -52.54
N LYS J 145 19.06 -25.78 -52.16
CA LYS J 145 20.51 -25.97 -52.12
C LYS J 145 21.03 -26.34 -50.74
N TYR J 146 20.27 -26.10 -49.67
CA TYR J 146 20.67 -26.49 -48.33
C TYR J 146 19.80 -27.58 -47.73
N ALA J 147 18.53 -27.64 -48.10
CA ALA J 147 17.63 -28.68 -47.62
C ALA J 147 17.58 -29.88 -48.56
N MET J 148 18.38 -29.89 -49.62
CA MET J 148 18.42 -31.00 -50.56
C MET J 148 19.85 -31.28 -51.02
N SER K 1 22.39 41.87 5.46
CA SER K 1 23.64 42.00 6.21
C SER K 1 24.81 41.39 5.47
N ALA K 2 25.73 42.23 5.02
CA ALA K 2 26.94 41.76 4.36
C ALA K 2 27.96 41.32 5.40
N LYS K 3 28.69 40.26 5.08
CA LYS K 3 29.67 39.71 6.00
C LYS K 3 30.43 38.60 5.29
N ALA K 4 31.55 38.20 5.90
CA ALA K 4 32.30 37.01 5.52
C ALA K 4 32.45 36.21 6.81
N LYS K 5 31.45 35.40 7.11
CA LYS K 5 31.35 34.73 8.40
C LYS K 5 30.40 33.55 8.24
N THR K 6 30.45 32.64 9.22
CA THR K 6 29.55 31.48 9.23
C THR K 6 28.12 31.91 8.95
N ARG K 7 27.49 31.22 8.00
CA ARG K 7 26.17 31.64 7.53
C ARG K 7 25.16 31.68 8.66
N SER K 8 25.34 30.85 9.68
CA SER K 8 24.43 30.86 10.82
C SER K 8 24.43 32.22 11.51
N SER K 9 25.60 32.65 11.98
CA SER K 9 25.70 33.92 12.68
C SER K 9 25.29 35.08 11.77
N ARG K 10 25.68 35.02 10.50
CA ARG K 10 25.31 36.08 9.57
C ARG K 10 23.80 36.18 9.42
N ALA K 11 23.11 35.06 9.42
CA ALA K 11 21.66 35.08 9.36
C ALA K 11 21.03 35.45 10.69
N GLY K 12 21.77 35.36 11.78
CA GLY K 12 21.20 35.65 13.09
C GLY K 12 20.44 34.49 13.69
N LEU K 13 20.94 33.28 13.52
CA LEU K 13 20.30 32.08 14.04
C LEU K 13 21.22 31.39 15.03
N GLN K 14 20.80 30.21 15.47
CA GLN K 14 21.65 29.32 16.24
C GLN K 14 21.85 27.97 15.58
N PHE K 15 20.89 27.51 14.78
CA PHE K 15 21.04 26.25 14.10
C PHE K 15 22.05 26.38 12.96
N PRO K 16 22.69 25.30 12.58
CA PRO K 16 23.64 25.38 11.47
C PRO K 16 22.90 25.59 10.17
N VAL K 17 23.49 26.40 9.30
CA VAL K 17 22.88 26.64 7.99
C VAL K 17 23.66 25.86 6.95
N GLY K 18 24.96 25.66 7.19
CA GLY K 18 25.74 24.82 6.30
C GLY K 18 25.29 23.38 6.35
N ARG K 19 25.07 22.86 7.56
CA ARG K 19 24.63 21.48 7.71
C ARG K 19 23.26 21.27 7.08
N VAL K 20 22.35 22.22 7.26
CA VAL K 20 21.04 22.10 6.65
C VAL K 20 21.15 22.20 5.14
N HIS K 21 22.03 23.05 4.64
CA HIS K 21 22.24 23.12 3.20
C HIS K 21 22.73 21.80 2.65
N ARG K 22 23.69 21.17 3.32
CA ARG K 22 24.18 19.88 2.87
C ARG K 22 23.09 18.82 2.91
N LEU K 23 22.28 18.82 3.98
CA LEU K 23 21.21 17.83 4.05
C LEU K 23 20.18 18.05 2.96
N LEU K 24 19.92 19.29 2.58
CA LEU K 24 18.98 19.55 1.51
C LEU K 24 19.56 19.18 0.15
N ARG K 25 20.88 19.22 0.01
CA ARG K 25 21.47 18.85 -1.28
C ARG K 25 21.61 17.35 -1.42
N LYS K 26 22.17 16.68 -0.42
CA LYS K 26 22.47 15.26 -0.48
C LYS K 26 21.33 14.40 0.04
N GLY K 27 20.10 14.87 -0.05
CA GLY K 27 18.98 14.09 0.43
C GLY K 27 18.03 13.71 -0.68
N ASN K 28 18.38 14.10 -1.91
CA ASN K 28 17.53 13.85 -3.08
C ASN K 28 16.16 14.49 -2.91
N TYR K 29 16.13 15.67 -2.30
CA TYR K 29 14.88 16.39 -2.21
C TYR K 29 14.59 17.18 -3.48
N SER K 30 15.64 17.64 -4.16
CA SER K 30 15.49 18.25 -5.48
C SER K 30 16.87 18.35 -6.11
N GLU K 31 16.91 18.80 -7.36
CA GLU K 31 18.16 18.86 -8.08
C GLU K 31 19.02 20.01 -7.59
N ARG K 32 18.46 21.21 -7.52
CA ARG K 32 19.18 22.39 -7.05
C ARG K 32 18.47 22.96 -5.83
N VAL K 33 19.25 23.50 -4.91
CA VAL K 33 18.75 24.02 -3.64
C VAL K 33 19.10 25.50 -3.57
N GLY K 34 18.10 26.35 -3.75
CA GLY K 34 18.31 27.79 -3.71
C GLY K 34 19.11 28.26 -2.52
N ALA K 35 19.86 29.34 -2.69
CA ALA K 35 20.75 29.79 -1.62
C ALA K 35 20.01 30.37 -0.42
N GLY K 36 18.73 30.68 -0.57
CA GLY K 36 17.94 31.24 0.52
C GLY K 36 17.05 30.26 1.23
N ALA K 37 17.01 29.00 0.81
CA ALA K 37 16.15 28.00 1.43
C ALA K 37 16.72 27.47 2.73
N PRO K 38 18.00 27.09 2.80
CA PRO K 38 18.52 26.57 4.07
C PRO K 38 18.41 27.56 5.21
N VAL K 39 18.55 28.85 4.93
CA VAL K 39 18.40 29.85 6.00
C VAL K 39 16.98 29.83 6.55
N TYR K 40 16.00 29.90 5.65
CA TYR K 40 14.60 29.83 6.05
C TYR K 40 14.33 28.58 6.87
N LEU K 41 14.84 27.44 6.43
CA LEU K 41 14.54 26.20 7.11
C LEU K 41 15.20 26.14 8.48
N ALA K 42 16.45 26.61 8.59
CA ALA K 42 17.09 26.64 9.89
C ALA K 42 16.35 27.56 10.84
N ALA K 43 15.84 28.68 10.32
CA ALA K 43 15.07 29.59 11.17
C ALA K 43 13.80 28.92 11.68
N VAL K 44 13.08 28.22 10.81
CA VAL K 44 11.84 27.57 11.23
C VAL K 44 12.12 26.50 12.27
N LEU K 45 13.15 25.68 12.03
CA LEU K 45 13.49 24.64 13.01
C LEU K 45 13.87 25.27 14.34
N GLU K 46 14.62 26.36 14.32
CA GLU K 46 15.01 27.01 15.56
C GLU K 46 13.79 27.54 16.30
N TYR K 47 12.85 28.12 15.57
CA TYR K 47 11.65 28.63 16.22
C TYR K 47 10.87 27.51 16.90
N LEU K 48 10.69 26.39 16.19
CA LEU K 48 9.92 25.30 16.79
C LEU K 48 10.63 24.74 18.01
N THR K 49 11.94 24.56 17.92
CA THR K 49 12.68 24.07 19.08
C THR K 49 12.55 25.03 20.26
N ALA K 50 12.62 26.33 19.99
CA ALA K 50 12.48 27.30 21.07
C ALA K 50 11.10 27.23 21.69
N GLU K 51 10.06 27.06 20.87
CA GLU K 51 8.72 26.93 21.39
C GLU K 51 8.61 25.75 22.35
N ILE K 52 9.01 24.57 21.89
CA ILE K 52 8.86 23.38 22.73
C ILE K 52 9.72 23.50 23.97
N LEU K 53 10.90 24.10 23.86
CA LEU K 53 11.75 24.21 25.04
C LEU K 53 11.19 25.23 26.02
N GLU K 54 10.57 26.30 25.54
CA GLU K 54 9.87 27.21 26.44
C GLU K 54 8.81 26.47 27.25
N LEU K 55 7.93 25.77 26.57
CA LEU K 55 6.84 25.10 27.27
C LEU K 55 7.37 24.02 28.21
N ALA K 56 8.37 23.27 27.77
CA ALA K 56 8.90 22.20 28.60
C ALA K 56 9.64 22.74 29.81
N GLY K 57 10.37 23.85 29.65
CA GLY K 57 11.01 24.46 30.80
C GLY K 57 9.99 24.95 31.81
N ASN K 58 8.90 25.53 31.34
CA ASN K 58 7.82 25.89 32.25
C ASN K 58 7.31 24.67 33.00
N ALA K 59 6.96 23.62 32.26
CA ALA K 59 6.43 22.42 32.89
C ALA K 59 7.41 21.80 33.86
N ALA K 60 8.71 21.93 33.60
CA ALA K 60 9.71 21.40 34.52
C ALA K 60 9.82 22.25 35.77
N ARG K 61 9.71 23.57 35.61
CA ARG K 61 9.68 24.44 36.78
C ARG K 61 8.49 24.14 37.66
N ASP K 62 7.38 23.71 37.06
CA ASP K 62 6.21 23.35 37.86
C ASP K 62 6.51 22.19 38.80
N ASN K 63 7.21 21.17 38.31
CA ASN K 63 7.50 20.00 39.13
C ASN K 63 8.71 20.19 40.03
N LYS K 64 9.19 21.41 40.18
CA LYS K 64 10.35 21.76 41.01
C LYS K 64 11.64 21.11 40.53
N LYS K 65 11.63 20.48 39.36
CA LYS K 65 12.84 19.93 38.77
C LYS K 65 13.46 20.97 37.85
N THR K 66 14.77 21.15 37.96
CA THR K 66 15.50 22.14 37.16
C THR K 66 16.20 21.51 35.97
N ARG K 67 15.60 20.49 35.36
CA ARG K 67 16.23 19.81 34.23
C ARG K 67 15.17 19.04 33.47
N ILE K 68 14.94 19.41 32.22
CA ILE K 68 13.89 18.79 31.43
C ILE K 68 14.15 17.30 31.27
N ILE K 69 13.09 16.51 31.37
CA ILE K 69 13.14 15.08 31.11
C ILE K 69 12.01 14.76 30.14
N PRO K 70 11.92 13.55 29.58
CA PRO K 70 10.86 13.29 28.60
C PRO K 70 9.46 13.55 29.11
N ARG K 71 9.20 13.28 30.38
CA ARG K 71 7.87 13.52 30.93
C ARG K 71 7.44 14.97 30.70
N HIS K 72 8.35 15.91 30.93
CA HIS K 72 8.00 17.31 30.77
C HIS K 72 7.78 17.67 29.31
N LEU K 73 8.54 17.07 28.39
CA LEU K 73 8.27 17.27 26.99
C LEU K 73 6.88 16.78 26.62
N GLN K 74 6.49 15.61 27.13
CA GLN K 74 5.16 15.09 26.84
C GLN K 74 4.08 16.01 27.40
N LEU K 75 4.26 16.48 28.63
CA LEU K 75 3.28 17.39 29.21
C LEU K 75 3.16 18.66 28.39
N ALA K 76 4.30 19.27 28.04
CA ALA K 76 4.27 20.52 27.28
C ALA K 76 3.71 20.32 25.89
N ILE K 77 3.80 19.12 25.33
CA ILE K 77 3.25 18.90 24.01
C ILE K 77 1.76 18.62 24.06
N ARG K 78 1.32 17.83 25.04
CA ARG K 78 -0.10 17.49 25.10
C ARG K 78 -0.94 18.65 25.60
N ASN K 79 -0.43 19.43 26.56
CA ASN K 79 -1.21 20.53 27.10
C ASN K 79 -1.48 21.60 26.05
N ASP K 80 -0.48 21.94 25.26
CA ASP K 80 -0.68 22.93 24.21
C ASP K 80 -1.63 22.38 23.14
N GLU K 81 -2.09 23.27 22.27
CA GLU K 81 -3.06 22.90 21.25
C GLU K 81 -2.43 22.74 19.87
N GLU K 82 -1.72 23.76 19.39
CA GLU K 82 -1.08 23.64 18.08
C GLU K 82 -0.02 22.55 18.09
N LEU K 83 0.79 22.50 19.15
CA LEU K 83 1.83 21.47 19.21
C LEU K 83 1.22 20.09 19.26
N ASN K 84 0.14 19.92 20.01
CA ASN K 84 -0.50 18.61 20.06
C ASN K 84 -1.16 18.27 18.74
N LYS K 85 -1.57 19.28 17.97
CA LYS K 85 -2.11 19.00 16.65
C LYS K 85 -1.01 18.65 15.67
N LEU K 86 0.20 19.13 15.90
CA LEU K 86 1.33 18.84 15.02
C LEU K 86 1.92 17.47 15.31
N LEU K 87 1.99 17.10 16.58
CA LEU K 87 2.53 15.81 17.01
C LEU K 87 1.43 14.86 17.43
N GLY K 88 0.31 14.86 16.70
CA GLY K 88 -0.81 14.02 17.11
C GLY K 88 -0.47 12.54 17.12
N ARG K 89 0.23 12.07 16.10
CA ARG K 89 0.54 10.66 15.99
C ARG K 89 1.83 10.27 16.69
N VAL K 90 2.72 11.23 16.95
CA VAL K 90 4.02 10.91 17.51
C VAL K 90 3.88 10.40 18.93
N THR K 91 4.68 9.41 19.29
CA THR K 91 4.72 8.86 20.63
C THR K 91 6.05 9.23 21.28
N ILE K 92 5.99 9.93 22.39
CA ILE K 92 7.19 10.35 23.12
C ILE K 92 7.56 9.22 24.08
N ALA K 93 8.71 8.61 23.84
CA ALA K 93 9.16 7.52 24.70
C ALA K 93 9.25 7.99 26.14
N GLN K 94 8.90 7.10 27.07
CA GLN K 94 8.94 7.41 28.50
C GLN K 94 8.14 8.65 28.84
N GLY K 95 7.09 8.92 28.09
CA GLY K 95 6.35 10.16 28.24
C GLY K 95 5.16 10.12 29.15
N GLY K 96 4.71 8.95 29.58
CA GLY K 96 3.50 8.93 30.38
C GLY K 96 2.30 9.39 29.57
N VAL K 97 1.35 10.04 30.26
CA VAL K 97 0.13 10.52 29.63
C VAL K 97 -0.48 11.58 30.52
N LEU K 98 -1.32 12.42 29.94
CA LEU K 98 -1.98 13.47 30.71
C LEU K 98 -2.86 12.87 31.79
N PRO K 99 -2.87 13.42 33.00
CA PRO K 99 -3.85 12.99 34.00
C PRO K 99 -5.25 13.36 33.55
N ASN K 100 -6.09 12.35 33.36
CA ASN K 100 -7.43 12.58 32.83
C ASN K 100 -8.34 11.45 33.30
N ILE K 101 -9.15 11.73 34.32
CA ILE K 101 -10.17 10.82 34.80
C ILE K 101 -11.51 11.30 34.25
N GLN K 102 -12.22 10.42 33.56
CA GLN K 102 -13.53 10.78 33.06
C GLN K 102 -14.45 11.16 34.21
N ALA K 103 -15.33 12.13 33.96
CA ALA K 103 -16.14 12.69 35.04
C ALA K 103 -17.12 11.66 35.58
N VAL K 104 -17.67 10.80 34.72
CA VAL K 104 -18.70 9.87 35.15
C VAL K 104 -18.16 8.86 36.15
N LEU K 105 -16.89 8.49 36.02
CA LEU K 105 -16.35 7.47 36.91
C LEU K 105 -16.12 7.98 38.32
N LEU K 106 -16.11 9.29 38.52
CA LEU K 106 -15.81 9.85 39.84
C LEU K 106 -16.91 9.47 40.83
N PRO K 107 -16.59 9.44 42.13
CA PRO K 107 -17.59 9.05 43.11
C PRO K 107 -18.77 10.01 43.13
N LYS K 108 -19.82 9.59 43.83
CA LYS K 108 -21.04 10.37 43.90
C LYS K 108 -21.73 10.11 45.23
N LYS K 109 -22.41 11.13 45.73
CA LYS K 109 -23.09 11.04 47.02
C LYS K 109 -24.30 10.13 46.96
N SER L 1 17.97 -12.61 -22.43
CA SER L 1 17.16 -12.56 -23.64
C SER L 1 17.91 -11.72 -24.66
N ALA L 2 18.45 -12.38 -25.68
CA ALA L 2 19.27 -11.69 -26.68
C ALA L 2 18.46 -10.74 -27.54
N LYS L 3 17.13 -10.85 -27.54
CA LYS L 3 16.31 -10.03 -28.41
C LYS L 3 16.59 -8.55 -28.18
N ALA L 4 17.05 -7.87 -29.23
CA ALA L 4 17.26 -6.43 -29.16
C ALA L 4 16.02 -5.68 -29.63
N LYS L 5 14.88 -6.03 -29.07
CA LYS L 5 13.63 -5.32 -29.31
C LYS L 5 13.36 -4.40 -28.12
N THR L 6 12.27 -3.64 -28.21
CA THR L 6 11.86 -2.77 -27.12
C THR L 6 11.87 -3.53 -25.80
N ARG L 7 12.39 -2.88 -24.75
CA ARG L 7 12.62 -3.57 -23.49
C ARG L 7 11.34 -4.12 -22.90
N SER L 8 10.20 -3.48 -23.18
CA SER L 8 8.92 -4.05 -22.79
C SER L 8 8.78 -5.47 -23.30
N SER L 9 9.01 -5.67 -24.60
CA SER L 9 8.92 -7.00 -25.17
C SER L 9 9.99 -7.92 -24.61
N ARG L 10 11.23 -7.42 -24.50
CA ARG L 10 12.32 -8.26 -24.01
C ARG L 10 12.09 -8.73 -22.59
N ALA L 11 11.25 -8.04 -21.83
CA ALA L 11 10.90 -8.51 -20.50
C ALA L 11 9.60 -9.31 -20.48
N GLY L 12 8.89 -9.38 -21.60
CA GLY L 12 7.62 -10.07 -21.66
C GLY L 12 6.44 -9.29 -21.13
N LEU L 13 6.67 -8.13 -20.53
CA LEU L 13 5.60 -7.35 -19.95
C LEU L 13 4.78 -6.66 -21.03
N GLN L 14 3.82 -5.86 -20.58
CA GLN L 14 3.10 -4.95 -21.45
C GLN L 14 3.30 -3.49 -21.09
N PHE L 15 3.54 -3.20 -19.81
CA PHE L 15 3.78 -1.82 -19.41
C PHE L 15 5.12 -1.34 -19.96
N PRO L 16 5.27 -0.05 -20.20
CA PRO L 16 6.53 0.44 -20.74
C PRO L 16 7.62 0.37 -19.69
N VAL L 17 8.82 0.00 -20.11
CA VAL L 17 9.96 -0.07 -19.21
C VAL L 17 10.85 1.16 -19.36
N GLY L 18 11.00 1.67 -20.57
CA GLY L 18 11.75 2.90 -20.74
C GLY L 18 11.10 4.07 -20.03
N ARG L 19 9.77 4.15 -20.09
CA ARG L 19 9.07 5.23 -19.41
C ARG L 19 9.23 5.13 -17.91
N VAL L 20 9.15 3.91 -17.36
CA VAL L 20 9.36 3.74 -15.93
C VAL L 20 10.80 4.09 -15.58
N HIS L 21 11.75 3.75 -16.44
CA HIS L 21 13.13 4.10 -16.19
C HIS L 21 13.31 5.60 -16.09
N ARG L 22 12.72 6.34 -17.04
CA ARG L 22 12.81 7.78 -17.01
C ARG L 22 12.16 8.34 -15.75
N LEU L 23 10.94 7.89 -15.44
CA LEU L 23 10.25 8.39 -14.26
C LEU L 23 11.04 8.11 -12.99
N LEU L 24 11.77 7.00 -12.95
CA LEU L 24 12.63 6.73 -11.81
C LEU L 24 13.89 7.58 -11.81
N ARG L 25 14.34 8.03 -12.98
CA ARG L 25 15.51 8.90 -13.00
C ARG L 25 15.12 10.34 -12.70
N LYS L 26 14.26 10.92 -13.53
CA LYS L 26 13.89 12.32 -13.39
C LYS L 26 13.08 12.61 -12.13
N GLY L 27 12.72 11.60 -11.35
CA GLY L 27 11.83 11.83 -10.23
C GLY L 27 12.47 12.16 -8.91
N ASN L 28 13.80 12.23 -8.86
CA ASN L 28 14.52 12.54 -7.63
C ASN L 28 14.24 11.51 -6.55
N TYR L 29 14.16 10.24 -6.95
CA TYR L 29 14.05 9.18 -5.97
C TYR L 29 15.42 8.73 -5.50
N SER L 30 16.41 8.73 -6.38
CA SER L 30 17.78 8.46 -5.98
C SER L 30 18.70 8.95 -7.08
N GLU L 31 20.00 8.96 -6.77
CA GLU L 31 20.99 9.45 -7.72
C GLU L 31 21.13 8.49 -8.89
N ARG L 32 21.31 7.21 -8.61
CA ARG L 32 21.47 6.19 -9.63
C ARG L 32 20.29 5.26 -9.63
N VAL L 33 19.86 4.85 -10.82
CA VAL L 33 18.75 3.91 -10.98
C VAL L 33 19.30 2.70 -11.71
N GLY L 34 19.48 1.60 -10.99
CA GLY L 34 20.02 0.39 -11.58
C GLY L 34 19.24 -0.04 -12.81
N ALA L 35 19.84 -0.86 -13.66
CA ALA L 35 19.17 -1.28 -14.88
C ALA L 35 18.17 -2.39 -14.66
N GLY L 36 18.08 -2.94 -13.45
CA GLY L 36 17.11 -3.97 -13.18
C GLY L 36 15.83 -3.43 -12.57
N ALA L 37 15.92 -2.29 -11.89
CA ALA L 37 14.77 -1.77 -11.15
C ALA L 37 13.60 -1.42 -12.04
N PRO L 38 13.75 -0.71 -13.17
CA PRO L 38 12.56 -0.37 -13.96
C PRO L 38 11.80 -1.59 -14.43
N VAL L 39 12.49 -2.66 -14.83
CA VAL L 39 11.80 -3.86 -15.28
C VAL L 39 10.96 -4.43 -14.13
N TYR L 40 11.58 -4.58 -12.97
CA TYR L 40 10.88 -5.13 -11.81
C TYR L 40 9.65 -4.29 -11.48
N LEU L 41 9.80 -2.97 -11.45
CA LEU L 41 8.69 -2.11 -11.08
C LEU L 41 7.59 -2.15 -12.12
N ALA L 42 7.95 -2.21 -13.40
CA ALA L 42 6.93 -2.32 -14.43
C ALA L 42 6.17 -3.63 -14.31
N ALA L 43 6.88 -4.70 -13.96
CA ALA L 43 6.20 -5.98 -13.78
C ALA L 43 5.22 -5.92 -12.63
N VAL L 44 5.63 -5.34 -11.51
CA VAL L 44 4.72 -5.23 -10.36
C VAL L 44 3.50 -4.40 -10.72
N LEU L 45 3.70 -3.27 -11.39
CA LEU L 45 2.58 -2.45 -11.79
C LEU L 45 1.63 -3.21 -12.69
N GLU L 46 2.18 -3.91 -13.69
CA GLU L 46 1.33 -4.67 -14.60
C GLU L 46 0.55 -5.74 -13.86
N TYR L 47 1.18 -6.40 -12.89
CA TYR L 47 0.49 -7.46 -12.16
C TYR L 47 -0.68 -6.90 -11.36
N LEU L 48 -0.45 -5.79 -10.65
CA LEU L 48 -1.53 -5.21 -9.86
C LEU L 48 -2.67 -4.74 -10.76
N THR L 49 -2.33 -4.11 -11.89
CA THR L 49 -3.38 -3.67 -12.80
C THR L 49 -4.15 -4.86 -13.33
N ALA L 50 -3.46 -5.97 -13.61
CA ALA L 50 -4.15 -7.16 -14.08
C ALA L 50 -5.12 -7.69 -13.05
N GLU L 51 -4.70 -7.76 -11.79
CA GLU L 51 -5.60 -8.20 -10.72
C GLU L 51 -6.86 -7.34 -10.70
N ILE L 52 -6.68 -6.02 -10.61
CA ILE L 52 -7.84 -5.16 -10.43
C ILE L 52 -8.74 -5.22 -11.65
N LEU L 53 -8.16 -5.26 -12.85
CA LEU L 53 -8.99 -5.28 -14.05
C LEU L 53 -9.73 -6.60 -14.18
N GLU L 54 -9.11 -7.70 -13.77
CA GLU L 54 -9.81 -8.98 -13.81
C GLU L 54 -11.01 -8.97 -12.88
N LEU L 55 -10.81 -8.51 -11.64
CA LEU L 55 -11.94 -8.47 -10.71
C LEU L 55 -13.03 -7.54 -11.19
N ALA L 56 -12.67 -6.38 -11.71
CA ALA L 56 -13.67 -5.44 -12.20
C ALA L 56 -14.43 -6.04 -13.39
N GLY L 57 -13.72 -6.73 -14.27
CA GLY L 57 -14.41 -7.37 -15.39
C GLY L 57 -15.38 -8.43 -14.93
N ASN L 58 -14.99 -9.20 -13.92
CA ASN L 58 -15.92 -10.18 -13.35
C ASN L 58 -17.17 -9.49 -12.83
N ALA L 59 -17.00 -8.40 -12.09
CA ALA L 59 -18.16 -7.69 -11.56
C ALA L 59 -19.04 -7.14 -12.67
N ALA L 60 -18.42 -6.61 -13.73
CA ALA L 60 -19.19 -6.05 -14.83
C ALA L 60 -19.95 -7.13 -15.57
N ARG L 61 -19.35 -8.31 -15.70
CA ARG L 61 -20.09 -9.42 -16.29
C ARG L 61 -21.24 -9.83 -15.38
N ASP L 62 -21.05 -9.73 -14.07
CA ASP L 62 -22.14 -10.03 -13.15
C ASP L 62 -23.31 -9.07 -13.34
N ASN L 63 -23.02 -7.79 -13.47
CA ASN L 63 -24.09 -6.81 -13.69
C ASN L 63 -24.54 -6.75 -15.13
N LYS L 64 -24.08 -7.67 -15.98
CA LYS L 64 -24.52 -7.77 -17.38
C LYS L 64 -24.20 -6.50 -18.15
N LYS L 65 -23.00 -5.99 -17.98
CA LYS L 65 -22.48 -4.86 -18.74
C LYS L 65 -21.12 -5.23 -19.29
N THR L 66 -20.88 -4.90 -20.56
CA THR L 66 -19.63 -5.24 -21.22
C THR L 66 -18.65 -4.08 -21.25
N ARG L 67 -18.65 -3.25 -20.22
CA ARG L 67 -17.76 -2.09 -20.20
C ARG L 67 -17.57 -1.65 -18.76
N ILE L 68 -16.36 -1.81 -18.24
CA ILE L 68 -16.10 -1.52 -16.83
C ILE L 68 -16.33 -0.04 -16.55
N ILE L 69 -17.04 0.24 -15.47
CA ILE L 69 -17.29 1.62 -15.03
C ILE L 69 -16.91 1.71 -13.55
N PRO L 70 -16.66 2.92 -13.06
CA PRO L 70 -16.11 3.06 -11.69
C PRO L 70 -16.84 2.27 -10.63
N ARG L 71 -18.15 2.09 -10.76
CA ARG L 71 -18.88 1.31 -9.77
C ARG L 71 -18.35 -0.10 -9.69
N HIS L 72 -18.04 -0.70 -10.85
CA HIS L 72 -17.48 -2.04 -10.85
C HIS L 72 -16.11 -2.06 -10.20
N LEU L 73 -15.32 -1.00 -10.40
CA LEU L 73 -14.03 -0.93 -9.74
C LEU L 73 -14.18 -0.86 -8.23
N GLN L 74 -15.12 -0.06 -7.75
CA GLN L 74 -15.36 0.00 -6.31
C GLN L 74 -15.80 -1.34 -5.77
N LEU L 75 -16.71 -2.01 -6.47
CA LEU L 75 -17.15 -3.34 -6.04
C LEU L 75 -15.96 -4.30 -5.96
N ALA L 76 -15.16 -4.35 -7.02
CA ALA L 76 -14.04 -5.26 -7.05
C ALA L 76 -13.05 -4.98 -5.92
N ILE L 77 -12.76 -3.70 -5.67
CA ILE L 77 -11.77 -3.37 -4.66
C ILE L 77 -12.30 -3.65 -3.25
N ARG L 78 -13.54 -3.30 -2.99
CA ARG L 78 -14.07 -3.47 -1.64
C ARG L 78 -14.44 -4.91 -1.32
N ASN L 79 -14.72 -5.73 -2.33
CA ASN L 79 -15.08 -7.11 -2.06
C ASN L 79 -13.87 -8.01 -1.84
N ASP L 80 -12.70 -7.64 -2.36
CA ASP L 80 -11.50 -8.41 -2.12
C ASP L 80 -10.92 -8.08 -0.76
N GLU L 81 -10.19 -9.04 -0.19
CA GLU L 81 -9.71 -8.88 1.17
C GLU L 81 -8.38 -8.15 1.21
N GLU L 82 -7.57 -8.23 0.16
CA GLU L 82 -6.27 -7.55 0.12
C GLU L 82 -6.31 -6.25 -0.64
N LEU L 83 -6.98 -6.20 -1.79
CA LEU L 83 -7.06 -4.94 -2.52
C LEU L 83 -7.78 -3.88 -1.70
N ASN L 84 -8.65 -4.29 -0.80
CA ASN L 84 -9.27 -3.31 0.10
C ASN L 84 -8.26 -2.81 1.12
N LYS L 85 -7.42 -3.69 1.66
CA LYS L 85 -6.44 -3.28 2.64
C LYS L 85 -5.36 -2.41 2.03
N LEU L 86 -5.07 -2.60 0.74
CA LEU L 86 -4.09 -1.76 0.07
C LEU L 86 -4.69 -0.40 -0.24
N LEU L 87 -5.98 -0.33 -0.49
CA LEU L 87 -6.67 0.91 -0.81
C LEU L 87 -7.69 1.25 0.27
N GLY L 88 -7.31 1.11 1.53
CA GLY L 88 -8.22 1.40 2.62
C GLY L 88 -8.61 2.86 2.67
N ARG L 89 -7.67 3.75 2.37
CA ARG L 89 -7.92 5.18 2.48
C ARG L 89 -8.38 5.80 1.17
N VAL L 90 -8.14 5.14 0.04
CA VAL L 90 -8.48 5.70 -1.25
C VAL L 90 -10.00 5.83 -1.39
N THR L 91 -10.43 6.82 -2.16
CA THR L 91 -11.84 7.07 -2.42
C THR L 91 -12.06 7.08 -3.93
N ILE L 92 -12.66 6.02 -4.45
CA ILE L 92 -12.95 5.98 -5.87
C ILE L 92 -14.09 6.93 -6.19
N ALA L 93 -13.88 7.80 -7.18
CA ALA L 93 -14.93 8.72 -7.58
C ALA L 93 -16.08 7.96 -8.22
N GLN L 94 -17.30 8.38 -7.93
CA GLN L 94 -18.50 7.77 -8.48
C GLN L 94 -18.56 6.28 -8.16
N GLY L 95 -18.11 5.91 -6.96
CA GLY L 95 -17.99 4.52 -6.63
C GLY L 95 -19.11 3.94 -5.79
N GLY L 96 -19.93 4.79 -5.18
CA GLY L 96 -20.92 4.24 -4.28
C GLY L 96 -20.26 3.56 -3.10
N VAL L 97 -20.99 2.63 -2.50
CA VAL L 97 -20.48 1.85 -1.37
C VAL L 97 -20.96 0.41 -1.53
N LEU L 98 -20.52 -0.44 -0.62
CA LEU L 98 -20.94 -1.83 -0.61
C LEU L 98 -22.34 -1.95 -0.03
N PRO L 99 -23.27 -2.58 -0.72
CA PRO L 99 -24.62 -2.71 -0.18
C PRO L 99 -24.65 -3.63 1.02
N ASN L 100 -24.91 -3.07 2.21
CA ASN L 100 -25.04 -3.87 3.41
C ASN L 100 -25.87 -3.10 4.42
N ILE L 101 -26.78 -3.80 5.08
CA ILE L 101 -27.61 -3.23 6.14
C ILE L 101 -27.26 -3.95 7.43
N GLN L 102 -27.13 -3.18 8.51
CA GLN L 102 -26.81 -3.78 9.80
C GLN L 102 -27.91 -4.75 10.23
N ALA L 103 -27.50 -5.85 10.85
CA ALA L 103 -28.43 -6.94 11.13
C ALA L 103 -29.50 -6.54 12.15
N VAL L 104 -29.16 -5.64 13.07
CA VAL L 104 -30.13 -5.26 14.10
C VAL L 104 -31.27 -4.45 13.53
N LEU L 105 -31.07 -3.77 12.40
CA LEU L 105 -32.09 -2.89 11.86
C LEU L 105 -33.13 -3.61 11.03
N LEU L 106 -32.84 -4.82 10.57
CA LEU L 106 -33.80 -5.56 9.75
C LEU L 106 -35.07 -5.85 10.57
N PRO L 107 -36.23 -5.88 9.91
CA PRO L 107 -37.49 -5.92 10.65
C PRO L 107 -37.62 -7.15 11.53
N LYS L 108 -38.51 -7.04 12.52
CA LYS L 108 -38.73 -8.11 13.46
C LYS L 108 -39.58 -9.20 12.83
N LYS L 109 -39.09 -10.44 12.86
CA LYS L 109 -39.84 -11.57 12.33
C LYS L 109 -41.08 -11.79 13.20
N THR L 110 -42.25 -11.44 12.65
CA THR L 110 -43.50 -11.58 13.38
C THR L 110 -44.52 -12.36 12.56
ZN ZN M . -8.88 -23.64 -17.20
ZN ZN N . 1.12 -33.42 -11.76
#